data_9MOQ
# 
_entry.id   9MOQ 
# 
_audit_conform.dict_name       mmcif_pdbx.dic 
_audit_conform.dict_version    5.400 
_audit_conform.dict_location   http://mmcif.pdb.org/dictionaries/ascii/mmcif_pdbx.dic 
# 
loop_
_database_2.database_id 
_database_2.database_code 
_database_2.pdbx_database_accession 
_database_2.pdbx_DOI 
PDB   9MOQ         pdb_00009moq 10.2210/pdb9moq/pdb 
WWPDB D_1000291454 ?            ?                   
EMDB  EMD-48478    ?            ?                   
# 
_pdbx_audit_revision_history.ordinal             1 
_pdbx_audit_revision_history.data_content_type   'Structure model' 
_pdbx_audit_revision_history.major_revision      1 
_pdbx_audit_revision_history.minor_revision      0 
_pdbx_audit_revision_history.revision_date       2025-01-15 
# 
_pdbx_audit_revision_details.ordinal             1 
_pdbx_audit_revision_details.revision_ordinal    1 
_pdbx_audit_revision_details.data_content_type   'Structure model' 
_pdbx_audit_revision_details.provider            repository 
_pdbx_audit_revision_details.type                'Initial release' 
_pdbx_audit_revision_details.description         ? 
_pdbx_audit_revision_details.details             ? 
# 
_pdbx_database_status.status_code                     REL 
_pdbx_database_status.status_code_sf                  ? 
_pdbx_database_status.status_code_mr                  ? 
_pdbx_database_status.entry_id                        9MOQ 
_pdbx_database_status.recvd_initial_deposition_date   2024-12-26 
_pdbx_database_status.SG_entry                        N 
_pdbx_database_status.deposit_site                    RCSB 
_pdbx_database_status.process_site                    RCSB 
_pdbx_database_status.status_code_cs                  ? 
_pdbx_database_status.status_code_nmr_data            ? 
_pdbx_database_status.methods_development_category    ? 
_pdbx_database_status.pdb_format_compatible           Y 
# 
_pdbx_database_related.db_name        EMDB 
_pdbx_database_related.details        'Cryo-EM of F-pilus' 
_pdbx_database_related.db_id          EMD-48478 
_pdbx_database_related.content_type   'associated EM volume' 
# 
_pdbx_contact_author.id                 2 
_pdbx_contact_author.email              egelman@virginia.edu 
_pdbx_contact_author.name_first         Edward 
_pdbx_contact_author.name_last          Egelman 
_pdbx_contact_author.name_mi            H 
_pdbx_contact_author.role               'principal investigator/group leader' 
_pdbx_contact_author.identifier_ORCID   0000-0003-4844-5212 
# 
loop_
_audit_author.name 
_audit_author.pdbx_ordinal 
_audit_author.identifier_ORCID 
'Sonani, R.R.'       1 ? 
'Francetic, O.'      2 ? 
'Lejeune, M.'        3 ? 
'Izadi-Pruneyre, N.' 4 ? 
'Egelman, E.H.'      5 ? 
# 
_citation.abstract                  ? 
_citation.abstract_id_CAS           ? 
_citation.book_id_ISBN              ? 
_citation.book_publisher            ? 
_citation.book_publisher_city       ? 
_citation.book_title                ? 
_citation.coordinate_linkage        ? 
_citation.country                   ? 
_citation.database_id_Medline       ? 
_citation.details                   ? 
_citation.id                        primary 
_citation.journal_abbrev            'To Be Published' 
_citation.journal_id_ASTM           ? 
_citation.journal_id_CSD            0353 
_citation.journal_id_ISSN           ? 
_citation.journal_full              ? 
_citation.journal_issue             ? 
_citation.journal_volume            ? 
_citation.language                  ? 
_citation.page_first                ? 
_citation.page_last                 ? 
_citation.title                     'Cryo-EM of F-pilus' 
_citation.year                      ? 
_citation.database_id_CSD           ? 
_citation.pdbx_database_id_DOI      ? 
_citation.pdbx_database_id_PubMed   ? 
_citation.pdbx_database_id_patent   ? 
_citation.unpublished_flag          ? 
# 
_citation_author.citation_id        primary 
_citation_author.name               'Sonani, R.R.' 
_citation_author.ordinal            1 
_citation_author.identifier_ORCID   ? 
# 
loop_
_entity.id 
_entity.type 
_entity.src_method 
_entity.pdbx_description 
_entity.formula_weight 
_entity.pdbx_number_of_molecules 
_entity.pdbx_ec 
_entity.pdbx_mutation 
_entity.pdbx_fragment 
_entity.details 
1 polymer     nat Pilin                                             12780.441 1 ? ? ? ? 
2 non-polymer syn 1-MYRISTOYL-2-MYRISTOLEOYL-SN-GLYCERO-3-PHOSPHATE 589.761   1 ? ? ? ? 
# 
_entity_name_com.entity_id   1 
_entity_name_com.name        F-pilin 
# 
_entity_poly.entity_id                      1 
_entity_poly.type                           'polypeptide(L)' 
_entity_poly.nstd_linkage                   no 
_entity_poly.nstd_monomer                   no 
_entity_poly.pdbx_seq_one_letter_code       
;MNAVLSVQGASAPVKKKSFFSKFTRLNMLRLARAVIPAAVLMMFFPQLAMAAGSSGQDLMASGNTTVKATFGKDSSVVKW
VVLAEVLVGAVMYMMTKNVKFLAGFAIISVFIAVGMAVVGL
;
_entity_poly.pdbx_seq_one_letter_code_can   
;MNAVLSVQGASAPVKKKSFFSKFTRLNMLRLARAVIPAAVLMMFFPQLAMAAGSSGQDLMASGNTTVKATFGKDSSVVKW
VVLAEVLVGAVMYMMTKNVKFLAGFAIISVFIAVGMAVVGL
;
_entity_poly.pdbx_strand_id                 A 
_entity_poly.pdbx_target_identifier         ? 
# 
_pdbx_entity_nonpoly.entity_id   2 
_pdbx_entity_nonpoly.name        1-MYRISTOYL-2-MYRISTOLEOYL-SN-GLYCERO-3-PHOSPHATE 
_pdbx_entity_nonpoly.comp_id     X41 
# 
loop_
_entity_poly_seq.entity_id 
_entity_poly_seq.num 
_entity_poly_seq.mon_id 
_entity_poly_seq.hetero 
1 1   MET n 
1 2   ASN n 
1 3   ALA n 
1 4   VAL n 
1 5   LEU n 
1 6   SER n 
1 7   VAL n 
1 8   GLN n 
1 9   GLY n 
1 10  ALA n 
1 11  SER n 
1 12  ALA n 
1 13  PRO n 
1 14  VAL n 
1 15  LYS n 
1 16  LYS n 
1 17  LYS n 
1 18  SER n 
1 19  PHE n 
1 20  PHE n 
1 21  SER n 
1 22  LYS n 
1 23  PHE n 
1 24  THR n 
1 25  ARG n 
1 26  LEU n 
1 27  ASN n 
1 28  MET n 
1 29  LEU n 
1 30  ARG n 
1 31  LEU n 
1 32  ALA n 
1 33  ARG n 
1 34  ALA n 
1 35  VAL n 
1 36  ILE n 
1 37  PRO n 
1 38  ALA n 
1 39  ALA n 
1 40  VAL n 
1 41  LEU n 
1 42  MET n 
1 43  MET n 
1 44  PHE n 
1 45  PHE n 
1 46  PRO n 
1 47  GLN n 
1 48  LEU n 
1 49  ALA n 
1 50  MET n 
1 51  ALA n 
1 52  ALA n 
1 53  GLY n 
1 54  SER n 
1 55  SER n 
1 56  GLY n 
1 57  GLN n 
1 58  ASP n 
1 59  LEU n 
1 60  MET n 
1 61  ALA n 
1 62  SER n 
1 63  GLY n 
1 64  ASN n 
1 65  THR n 
1 66  THR n 
1 67  VAL n 
1 68  LYS n 
1 69  ALA n 
1 70  THR n 
1 71  PHE n 
1 72  GLY n 
1 73  LYS n 
1 74  ASP n 
1 75  SER n 
1 76  SER n 
1 77  VAL n 
1 78  VAL n 
1 79  LYS n 
1 80  TRP n 
1 81  VAL n 
1 82  VAL n 
1 83  LEU n 
1 84  ALA n 
1 85  GLU n 
1 86  VAL n 
1 87  LEU n 
1 88  VAL n 
1 89  GLY n 
1 90  ALA n 
1 91  VAL n 
1 92  MET n 
1 93  TYR n 
1 94  MET n 
1 95  MET n 
1 96  THR n 
1 97  LYS n 
1 98  ASN n 
1 99  VAL n 
1 100 LYS n 
1 101 PHE n 
1 102 LEU n 
1 103 ALA n 
1 104 GLY n 
1 105 PHE n 
1 106 ALA n 
1 107 ILE n 
1 108 ILE n 
1 109 SER n 
1 110 VAL n 
1 111 PHE n 
1 112 ILE n 
1 113 ALA n 
1 114 VAL n 
1 115 GLY n 
1 116 MET n 
1 117 ALA n 
1 118 VAL n 
1 119 VAL n 
1 120 GLY n 
1 121 LEU n 
# 
_entity_src_nat.entity_id                  1 
_entity_src_nat.pdbx_src_id                1 
_entity_src_nat.pdbx_alt_source_flag       sample 
_entity_src_nat.pdbx_beg_seq_num           1 
_entity_src_nat.pdbx_end_seq_num           121 
_entity_src_nat.common_name                ? 
_entity_src_nat.pdbx_organism_scientific   'Escherichia coli' 
_entity_src_nat.pdbx_ncbi_taxonomy_id      562 
_entity_src_nat.genus                      ? 
_entity_src_nat.species                    ? 
_entity_src_nat.strain                     ? 
_entity_src_nat.tissue                     ? 
_entity_src_nat.tissue_fraction            ? 
_entity_src_nat.pdbx_secretion             ? 
_entity_src_nat.pdbx_fragment              ? 
_entity_src_nat.pdbx_variant               ? 
_entity_src_nat.pdbx_cell_line             ? 
_entity_src_nat.pdbx_atcc                  ? 
_entity_src_nat.pdbx_cellular_location     ? 
_entity_src_nat.pdbx_organ                 ? 
_entity_src_nat.pdbx_organelle             ? 
_entity_src_nat.pdbx_cell                  ? 
_entity_src_nat.pdbx_plasmid_name          ? 
_entity_src_nat.pdbx_plasmid_details       ? 
_entity_src_nat.details                    ? 
# 
loop_
_chem_comp.id 
_chem_comp.type 
_chem_comp.mon_nstd_flag 
_chem_comp.name 
_chem_comp.pdbx_synonyms 
_chem_comp.formula 
_chem_comp.formula_weight 
ALA 'L-peptide linking' y ALANINE                                           ? 'C3 H7 N O2'      89.093  
ARG 'L-peptide linking' y ARGININE                                          ? 'C6 H15 N4 O2 1'  175.209 
ASN 'L-peptide linking' y ASPARAGINE                                        ? 'C4 H8 N2 O3'     132.118 
ASP 'L-peptide linking' y 'ASPARTIC ACID'                                   ? 'C4 H7 N O4'      133.103 
GLN 'L-peptide linking' y GLUTAMINE                                         ? 'C5 H10 N2 O3'    146.144 
GLU 'L-peptide linking' y 'GLUTAMIC ACID'                                   ? 'C5 H9 N O4'      147.129 
GLY 'peptide linking'   y GLYCINE                                           ? 'C2 H5 N O2'      75.067  
ILE 'L-peptide linking' y ISOLEUCINE                                        ? 'C6 H13 N O2'     131.173 
LEU 'L-peptide linking' y LEUCINE                                           ? 'C6 H13 N O2'     131.173 
LYS 'L-peptide linking' y LYSINE                                            ? 'C6 H15 N2 O2 1'  147.195 
MET 'L-peptide linking' y METHIONINE                                        ? 'C5 H11 N O2 S'   149.211 
PHE 'L-peptide linking' y PHENYLALANINE                                     ? 'C9 H11 N O2'     165.189 
PRO 'L-peptide linking' y PROLINE                                           ? 'C5 H9 N O2'      115.130 
SER 'L-peptide linking' y SERINE                                            ? 'C3 H7 N O3'      105.093 
THR 'L-peptide linking' y THREONINE                                         ? 'C4 H9 N O3'      119.119 
TRP 'L-peptide linking' y TRYPTOPHAN                                        ? 'C11 H12 N2 O2'   204.225 
TYR 'L-peptide linking' y TYROSINE                                          ? 'C9 H11 N O3'     181.189 
VAL 'L-peptide linking' y VALINE                                            ? 'C5 H11 N O2'     117.146 
X41 non-polymer         . 1-MYRISTOYL-2-MYRISTOLEOYL-SN-GLYCERO-3-PHOSPHATE ? 'C31 H58 O8 P -1' 589.761 
# 
loop_
_pdbx_poly_seq_scheme.asym_id 
_pdbx_poly_seq_scheme.entity_id 
_pdbx_poly_seq_scheme.seq_id 
_pdbx_poly_seq_scheme.mon_id 
_pdbx_poly_seq_scheme.ndb_seq_num 
_pdbx_poly_seq_scheme.pdb_seq_num 
_pdbx_poly_seq_scheme.auth_seq_num 
_pdbx_poly_seq_scheme.pdb_mon_id 
_pdbx_poly_seq_scheme.auth_mon_id 
_pdbx_poly_seq_scheme.pdb_strand_id 
_pdbx_poly_seq_scheme.pdb_ins_code 
_pdbx_poly_seq_scheme.hetero 
A 1 1   MET 1   -50 ?  ?   ?   A . n 
A 1 2   ASN 2   -49 ?  ?   ?   A . n 
A 1 3   ALA 3   -48 ?  ?   ?   A . n 
A 1 4   VAL 4   -47 ?  ?   ?   A . n 
A 1 5   LEU 5   -46 ?  ?   ?   A . n 
A 1 6   SER 6   -45 ?  ?   ?   A . n 
A 1 7   VAL 7   -44 ?  ?   ?   A . n 
A 1 8   GLN 8   -43 ?  ?   ?   A . n 
A 1 9   GLY 9   -42 ?  ?   ?   A . n 
A 1 10  ALA 10  -41 ?  ?   ?   A . n 
A 1 11  SER 11  -40 ?  ?   ?   A . n 
A 1 12  ALA 12  -39 ?  ?   ?   A . n 
A 1 13  PRO 13  -38 ?  ?   ?   A . n 
A 1 14  VAL 14  -37 ?  ?   ?   A . n 
A 1 15  LYS 15  -36 ?  ?   ?   A . n 
A 1 16  LYS 16  -35 ?  ?   ?   A . n 
A 1 17  LYS 17  -34 ?  ?   ?   A . n 
A 1 18  SER 18  -33 ?  ?   ?   A . n 
A 1 19  PHE 19  -32 ?  ?   ?   A . n 
A 1 20  PHE 20  -31 ?  ?   ?   A . n 
A 1 21  SER 21  -30 ?  ?   ?   A . n 
A 1 22  LYS 22  -29 ?  ?   ?   A . n 
A 1 23  PHE 23  -28 ?  ?   ?   A . n 
A 1 24  THR 24  -27 ?  ?   ?   A . n 
A 1 25  ARG 25  -26 ?  ?   ?   A . n 
A 1 26  LEU 26  -25 ?  ?   ?   A . n 
A 1 27  ASN 27  -24 ?  ?   ?   A . n 
A 1 28  MET 28  -23 ?  ?   ?   A . n 
A 1 29  LEU 29  -22 ?  ?   ?   A . n 
A 1 30  ARG 30  -21 ?  ?   ?   A . n 
A 1 31  LEU 31  -20 ?  ?   ?   A . n 
A 1 32  ALA 32  -19 ?  ?   ?   A . n 
A 1 33  ARG 33  -18 ?  ?   ?   A . n 
A 1 34  ALA 34  -17 ?  ?   ?   A . n 
A 1 35  VAL 35  -16 ?  ?   ?   A . n 
A 1 36  ILE 36  -15 ?  ?   ?   A . n 
A 1 37  PRO 37  -14 ?  ?   ?   A . n 
A 1 38  ALA 38  -13 ?  ?   ?   A . n 
A 1 39  ALA 39  -12 ?  ?   ?   A . n 
A 1 40  VAL 40  -11 ?  ?   ?   A . n 
A 1 41  LEU 41  -10 ?  ?   ?   A . n 
A 1 42  MET 42  -9  ?  ?   ?   A . n 
A 1 43  MET 43  -8  ?  ?   ?   A . n 
A 1 44  PHE 44  -7  ?  ?   ?   A . n 
A 1 45  PHE 45  -6  ?  ?   ?   A . n 
A 1 46  PRO 46  -5  ?  ?   ?   A . n 
A 1 47  GLN 47  -4  ?  ?   ?   A . n 
A 1 48  LEU 48  -3  ?  ?   ?   A . n 
A 1 49  ALA 49  -2  ?  ?   ?   A . n 
A 1 50  MET 50  -1  ?  ?   ?   A . n 
A 1 51  ALA 51  0   ?  ?   ?   A . n 
A 1 52  ALA 52  1   ?  ?   ?   A . n 
A 1 53  GLY 53  2   ?  ?   ?   A . n 
A 1 54  SER 54  3   ?  ?   ?   A . n 
A 1 55  SER 55  4   ?  ?   ?   A . n 
A 1 56  GLY 56  5   ?  ?   ?   A . n 
A 1 57  GLN 57  6   6  GLN GLN A . n 
A 1 58  ASP 58  7   7  ASP ASP A . n 
A 1 59  LEU 59  8   8  LEU LEU A . n 
A 1 60  MET 60  9   9  MET MET A . n 
A 1 61  ALA 61  10  10 ALA ALA A . n 
A 1 62  SER 62  11  11 SER SER A . n 
A 1 63  GLY 63  12  12 GLY GLY A . n 
A 1 64  ASN 64  13  13 ASN ASN A . n 
A 1 65  THR 65  14  14 THR THR A . n 
A 1 66  THR 66  15  15 THR THR A . n 
A 1 67  VAL 67  16  16 VAL VAL A . n 
A 1 68  LYS 68  17  17 LYS LYS A . n 
A 1 69  ALA 69  18  18 ALA ALA A . n 
A 1 70  THR 70  19  19 THR THR A . n 
A 1 71  PHE 71  20  20 PHE PHE A . n 
A 1 72  GLY 72  21  21 GLY GLY A . n 
A 1 73  LYS 73  22  22 LYS LYS A . n 
A 1 74  ASP 74  23  23 ASP ASP A . n 
A 1 75  SER 75  24  24 SER SER A . n 
A 1 76  SER 76  25  25 SER SER A . n 
A 1 77  VAL 77  26  26 VAL VAL A . n 
A 1 78  VAL 78  27  27 VAL VAL A . n 
A 1 79  LYS 79  28  28 LYS LYS A . n 
A 1 80  TRP 80  29  29 TRP TRP A . n 
A 1 81  VAL 81  30  30 VAL VAL A . n 
A 1 82  VAL 82  31  31 VAL VAL A . n 
A 1 83  LEU 83  32  32 LEU LEU A . n 
A 1 84  ALA 84  33  33 ALA ALA A . n 
A 1 85  GLU 85  34  34 GLU GLU A . n 
A 1 86  VAL 86  35  35 VAL VAL A . n 
A 1 87  LEU 87  36  36 LEU LEU A . n 
A 1 88  VAL 88  37  37 VAL VAL A . n 
A 1 89  GLY 89  38  38 GLY GLY A . n 
A 1 90  ALA 90  39  39 ALA ALA A . n 
A 1 91  VAL 91  40  40 VAL VAL A . n 
A 1 92  MET 92  41  41 MET MET A . n 
A 1 93  TYR 93  42  42 TYR TYR A . n 
A 1 94  MET 94  43  43 MET MET A . n 
A 1 95  MET 95  44  44 MET MET A . n 
A 1 96  THR 96  45  45 THR THR A . n 
A 1 97  LYS 97  46  46 LYS LYS A . n 
A 1 98  ASN 98  47  47 ASN ASN A . n 
A 1 99  VAL 99  48  48 VAL VAL A . n 
A 1 100 LYS 100 49  49 LYS LYS A . n 
A 1 101 PHE 101 50  50 PHE PHE A . n 
A 1 102 LEU 102 51  51 LEU LEU A . n 
A 1 103 ALA 103 52  52 ALA ALA A . n 
A 1 104 GLY 104 53  53 GLY GLY A . n 
A 1 105 PHE 105 54  54 PHE PHE A . n 
A 1 106 ALA 106 55  55 ALA ALA A . n 
A 1 107 ILE 107 56  56 ILE ILE A . n 
A 1 108 ILE 108 57  57 ILE ILE A . n 
A 1 109 SER 109 58  58 SER SER A . n 
A 1 110 VAL 110 59  59 VAL VAL A . n 
A 1 111 PHE 111 60  60 PHE PHE A . n 
A 1 112 ILE 112 61  61 ILE ILE A . n 
A 1 113 ALA 113 62  62 ALA ALA A . n 
A 1 114 VAL 114 63  63 VAL VAL A . n 
A 1 115 GLY 115 64  64 GLY GLY A . n 
A 1 116 MET 116 65  65 MET MET A . n 
A 1 117 ALA 117 66  66 ALA ALA A . n 
A 1 118 VAL 118 67  67 VAL VAL A . n 
A 1 119 VAL 119 68  68 VAL VAL A . n 
A 1 120 GLY 120 69  69 GLY GLY A . n 
A 1 121 LEU 121 70  70 LEU LEU A . n 
# 
_pdbx_entity_instance_feature.ordinal        1 
_pdbx_entity_instance_feature.comp_id        X41 
_pdbx_entity_instance_feature.asym_id        ? 
_pdbx_entity_instance_feature.seq_num        ? 
_pdbx_entity_instance_feature.auth_comp_id   X41 
_pdbx_entity_instance_feature.auth_asym_id   ? 
_pdbx_entity_instance_feature.auth_seq_num   ? 
_pdbx_entity_instance_feature.feature_type   'SUBJECT OF INVESTIGATION' 
_pdbx_entity_instance_feature.details        ? 
# 
_pdbx_nonpoly_scheme.asym_id         B 
_pdbx_nonpoly_scheme.entity_id       2 
_pdbx_nonpoly_scheme.mon_id          X41 
_pdbx_nonpoly_scheme.ndb_seq_num     1 
_pdbx_nonpoly_scheme.pdb_seq_num     101 
_pdbx_nonpoly_scheme.auth_seq_num    101 
_pdbx_nonpoly_scheme.pdb_mon_id      X41 
_pdbx_nonpoly_scheme.auth_mon_id     46F 
_pdbx_nonpoly_scheme.pdb_strand_id   A 
_pdbx_nonpoly_scheme.pdb_ins_code    . 
# 
_cell.angle_alpha                  90.00 
_cell.angle_alpha_esd              ? 
_cell.angle_beta                   90.00 
_cell.angle_beta_esd               ? 
_cell.angle_gamma                  90.00 
_cell.angle_gamma_esd              ? 
_cell.entry_id                     9MOQ 
_cell.details                      ? 
_cell.formula_units_Z              ? 
_cell.length_a                     1.00 
_cell.length_a_esd                 ? 
_cell.length_b                     1.00 
_cell.length_b_esd                 ? 
_cell.length_c                     1.00 
_cell.length_c_esd                 ? 
_cell.volume                       ? 
_cell.volume_esd                   ? 
_cell.Z_PDB                        ? 
_cell.reciprocal_angle_alpha       ? 
_cell.reciprocal_angle_beta        ? 
_cell.reciprocal_angle_gamma       ? 
_cell.reciprocal_angle_alpha_esd   ? 
_cell.reciprocal_angle_beta_esd    ? 
_cell.reciprocal_angle_gamma_esd   ? 
_cell.reciprocal_length_a          ? 
_cell.reciprocal_length_b          ? 
_cell.reciprocal_length_c          ? 
_cell.reciprocal_length_a_esd      ? 
_cell.reciprocal_length_b_esd      ? 
_cell.reciprocal_length_c_esd      ? 
_cell.pdbx_unique_axis             ? 
_cell.pdbx_esd_method              ? 
# 
_symmetry.entry_id                         9MOQ 
_symmetry.cell_setting                     ? 
_symmetry.Int_Tables_number                1 
_symmetry.space_group_name_Hall            ? 
_symmetry.space_group_name_H-M             'P 1' 
_symmetry.pdbx_full_space_group_name_H-M   ? 
# 
_exptl.absorpt_coefficient_mu     ? 
_exptl.absorpt_correction_T_max   ? 
_exptl.absorpt_correction_T_min   ? 
_exptl.absorpt_correction_type    ? 
_exptl.absorpt_process_details    ? 
_exptl.entry_id                   9MOQ 
_exptl.crystals_number            ? 
_exptl.details                    ? 
_exptl.method                     'ELECTRON MICROSCOPY' 
_exptl.method_details             ? 
# 
_refine.pdbx_refine_id                           'ELECTRON MICROSCOPY' 
_refine.entry_id                                 9MOQ 
_refine.pdbx_diffrn_id                           ? 
_refine.pdbx_TLS_residual_ADP_flag               ? 
_refine.ls_number_reflns_obs                     ? 
_refine.ls_number_reflns_all                     ? 
_refine.pdbx_ls_sigma_I                          ? 
_refine.pdbx_ls_sigma_F                          ? 
_refine.pdbx_data_cutoff_high_absF               ? 
_refine.pdbx_data_cutoff_low_absF                ? 
_refine.pdbx_data_cutoff_high_rms_absF           ? 
_refine.ls_d_res_low                             ? 
_refine.ls_d_res_high                            . 
_refine.ls_percent_reflns_obs                    ? 
_refine.ls_R_factor_obs                          ? 
_refine.ls_R_factor_all                          ? 
_refine.ls_R_factor_R_work                       ? 
_refine.ls_R_factor_R_free                       ? 
_refine.ls_R_factor_R_free_error                 ? 
_refine.ls_R_factor_R_free_error_details         ? 
_refine.ls_percent_reflns_R_free                 ? 
_refine.ls_number_reflns_R_free                  ? 
_refine.ls_number_parameters                     ? 
_refine.ls_number_restraints                     ? 
_refine.occupancy_min                            ? 
_refine.occupancy_max                            ? 
_refine.correlation_coeff_Fo_to_Fc               ? 
_refine.correlation_coeff_Fo_to_Fc_free          ? 
_refine.B_iso_mean                               ? 
_refine.aniso_B[1][1]                            ? 
_refine.aniso_B[2][2]                            ? 
_refine.aniso_B[3][3]                            ? 
_refine.aniso_B[1][2]                            ? 
_refine.aniso_B[1][3]                            ? 
_refine.aniso_B[2][3]                            ? 
_refine.solvent_model_details                    ? 
_refine.solvent_model_param_ksol                 ? 
_refine.solvent_model_param_bsol                 ? 
_refine.pdbx_solvent_vdw_probe_radii             ? 
_refine.pdbx_solvent_ion_probe_radii             ? 
_refine.pdbx_solvent_shrinkage_radii             ? 
_refine.pdbx_ls_cross_valid_method               ? 
_refine.details                                  ? 
_refine.pdbx_starting_model                      ? 
_refine.pdbx_method_to_determine_struct          ? 
_refine.pdbx_isotropic_thermal_model             ? 
_refine.pdbx_stereochemistry_target_values       ? 
_refine.pdbx_stereochem_target_val_spec_case     ? 
_refine.pdbx_R_Free_selection_details            ? 
_refine.pdbx_overall_ESU_R                       ? 
_refine.pdbx_overall_ESU_R_Free                  ? 
_refine.overall_SU_ML                            ? 
_refine.pdbx_overall_phase_error                 ? 
_refine.overall_SU_B                             ? 
_refine.overall_SU_R_Cruickshank_DPI             ? 
_refine.pdbx_overall_SU_R_free_Cruickshank_DPI   ? 
_refine.pdbx_overall_SU_R_Blow_DPI               ? 
_refine.pdbx_overall_SU_R_free_Blow_DPI          ? 
# 
loop_
_refine_ls_restr.pdbx_refine_id 
_refine_ls_restr.criterion 
_refine_ls_restr.dev_ideal 
_refine_ls_restr.dev_ideal_target 
_refine_ls_restr.number 
_refine_ls_restr.rejects 
_refine_ls_restr.type 
_refine_ls_restr.weight 
_refine_ls_restr.pdbx_restraint_function 
'ELECTRON MICROSCOPY' ? 0.007 ? 581 ? f_bond_d           ? ? 
'ELECTRON MICROSCOPY' ? 0.718 ? 841 ? f_angle_d          ? ? 
'ELECTRON MICROSCOPY' ? 5.052 ? 311 ? f_dihedral_angle_d ? ? 
'ELECTRON MICROSCOPY' ? 0.045 ? 85  ? f_chiral_restr     ? ? 
'ELECTRON MICROSCOPY' ? 0.005 ? 78  ? f_plane_restr      ? ? 
# 
_struct.entry_id                     9MOQ 
_struct.title                        'Cryo-EM of F-pilus' 
_struct.pdbx_model_details           ? 
_struct.pdbx_formula_weight          ? 
_struct.pdbx_formula_weight_method   ? 
_struct.pdbx_model_type_details      ? 
_struct.pdbx_CASP_flag               N 
# 
_struct_keywords.entry_id        9MOQ 
_struct_keywords.text            'Helical, lipid, PROTEIN FIBRIL' 
_struct_keywords.pdbx_keywords   'PROTEIN FIBRIL' 
# 
loop_
_struct_asym.id 
_struct_asym.pdbx_blank_PDB_chainid_flag 
_struct_asym.pdbx_modified 
_struct_asym.entity_id 
_struct_asym.details 
A N N 1 ? 
B N N 2 ? 
# 
_struct_ref.id                         1 
_struct_ref.db_name                    UNP 
_struct_ref.db_code                    PIL1_ECOLI 
_struct_ref.pdbx_db_accession          P04737 
_struct_ref.pdbx_db_isoform            ? 
_struct_ref.entity_id                  1 
_struct_ref.pdbx_seq_one_letter_code   
;MNAVLSVQGASAPVKKKSFFSKFTRLNMLRLARAVIPAAVLMMFFPQLAMAAGSSGQDLMASGNTTVKATFGKDSSVVKW
VVLAEVLVGAVMYMMTKNVKFLAGFAIISVFIAVGMAVVGL
;
_struct_ref.pdbx_align_begin           1 
# 
_struct_ref_seq.align_id                      1 
_struct_ref_seq.ref_id                        1 
_struct_ref_seq.pdbx_PDB_id_code              9MOQ 
_struct_ref_seq.pdbx_strand_id                A 
_struct_ref_seq.seq_align_beg                 1 
_struct_ref_seq.pdbx_seq_align_beg_ins_code   ? 
_struct_ref_seq.seq_align_end                 121 
_struct_ref_seq.pdbx_seq_align_end_ins_code   ? 
_struct_ref_seq.pdbx_db_accession             P04737 
_struct_ref_seq.db_align_beg                  1 
_struct_ref_seq.pdbx_db_align_beg_ins_code    ? 
_struct_ref_seq.db_align_end                  121 
_struct_ref_seq.pdbx_db_align_end_ins_code    ? 
_struct_ref_seq.pdbx_auth_seq_align_beg       -50 
_struct_ref_seq.pdbx_auth_seq_align_end       70 
# 
loop_
_pdbx_struct_assembly.id 
_pdbx_struct_assembly.details 
_pdbx_struct_assembly.method_details 
_pdbx_struct_assembly.oligomeric_details 
_pdbx_struct_assembly.oligomeric_count 
1 'representative helical assembly' ? 50-meric  50 
2 'helical asymmetric unit'         ? monomeric 1  
# 
loop_
_pdbx_struct_assembly_gen.assembly_id 
_pdbx_struct_assembly_gen.oper_expression 
_pdbx_struct_assembly_gen.asym_id_list 
1 '(1-50)' A,B 
2 1        A,B 
# 
_pdbx_struct_assembly_auth_evidence.id                     1 
_pdbx_struct_assembly_auth_evidence.assembly_id            1 
_pdbx_struct_assembly_auth_evidence.experimental_support   'electron microscopy' 
_pdbx_struct_assembly_auth_evidence.details                'not applicable' 
# 
loop_
_pdbx_struct_oper_list.id 
_pdbx_struct_oper_list.type 
_pdbx_struct_oper_list.name 
_pdbx_struct_oper_list.symmetry_operation 
_pdbx_struct_oper_list.matrix[1][1] 
_pdbx_struct_oper_list.matrix[1][2] 
_pdbx_struct_oper_list.matrix[1][3] 
_pdbx_struct_oper_list.vector[1] 
_pdbx_struct_oper_list.matrix[2][1] 
_pdbx_struct_oper_list.matrix[2][2] 
_pdbx_struct_oper_list.matrix[2][3] 
_pdbx_struct_oper_list.vector[2] 
_pdbx_struct_oper_list.matrix[3][1] 
_pdbx_struct_oper_list.matrix[3][2] 
_pdbx_struct_oper_list.matrix[3][3] 
_pdbx_struct_oper_list.vector[3] 
1  'identity operation'         1_555 x,y,z 1.00000000  0.00000000  0.00000000  0.00000   0.00000000  1.00000000  0.00000000  0.00000   0.00000000  0.00000000  1.00000000 0.00000   
2  'helical symmetry operation' ?     ?     -0.39348691 -0.30219747 -0.86824194 -76.49451 0.76731191  -0.62814046 -0.12911706 12.31672  -0.50635938 -0.71701846 0.47904537 41.66224  
3  'helical symmetry operation' ?     ?     -0.08619289 -0.59563925 -0.79861458 -59.01739 0.95818589  -0.26910025 0.09729094  21.27120  -0.27285740 -0.75683526 0.59392714 38.39052  
4  'helical symmetry operation' ?     ?     0.29167457  -0.71778031 -0.63223167 -39.76728 0.95420333  0.17239747  0.24448832  23.41450  -0.06649400 -0.67458874 0.73519276 33.78874  
5  'helical symmetry operation' ?     ?     0.65107187  -0.63984030 -0.40830159 -21.82576 0.75630462  0.59231479  0.27778941  19.13750  0.06410241  -0.48966114 0.86955333 26.29524  
6  'helical symmetry operation' ?     ?     0.90730704  -0.38018464 -0.17959311 -7.96617  0.41112345  0.89169819  0.18934618  10.34377  0.08815639  -0.24563003 0.96534677 15.02965  
7  'helical symmetry operation' ?     ?     0.90730704  0.41112345  0.08815639  1.65022   -0.38018464 0.89169819  -0.24563003 -8.56037  -0.17959311 0.18934618  0.96534677 -17.89803 
8  'helical symmetry operation' ?     ?     0.65107187  0.75630462  0.06410241  -1.94919  -0.63984030 0.59231479  -0.48966114 -12.42492 -0.40830159 0.27778941  0.86955333 -37.09287 
9  'helical symmetry operation' ?     ?     0.29167457  0.95420333  -0.06649400 -8.49635  -0.71778031 0.17239747  -0.67458874 -9.78724  -0.63223167 0.24448832  0.73519276 -55.70794 
10 'helical symmetry operation' ?     ?     -0.08619289 0.95818589  -0.27285740 -14.99351 -0.59563925 -0.26910025 -0.75683526 -0.37375  -0.79861458 0.09729094  0.59392714 -72.00284 
11 'helical symmetry operation' ?     ?     0.50200507  -0.69844060 -0.51007069 -45.13511 0.86466005  0.41814617  0.27841934  11.96827  0.01882497  -0.58080553 0.81382476 58.78237  
12 'helical symmetry operation' ?     ?     0.81261428  -0.51299204 -0.27658215 -29.19841 0.57553716  0.78105982  0.24228723  4.83280   0.09173602  -0.35606922 0.92994591 49.21964  
13 'helical symmetry operation' ?     ?     0.98199385  -0.17571900 -0.06935468 -18.51580 0.18172904  0.97896174  0.09277654  -5.23989  0.05159257  -0.10371001 0.99326841 35.77493  
14 'helical symmetry operation' ?     ?     0.97023180  0.23389987  0.06277973  -14.14962 -0.22396391 0.96521904  -0.13487990 -14.98079 -0.09214450 0.11680443  0.98887117 18.97038  
15 'helical symmetry operation' ?     ?     0.78009811  0.61933946  0.08868321  -15.67425 -0.54594118 0.74306815  -0.38703610 -21.19885 -0.30560483 0.25351005  0.91778975 0.11971   
16 'helical symmetry operation' ?     ?     0.45639888  0.88977284  0.00225283  -21.27629 -0.70833107 0.36486022  -0.60427226 -21.53364 -0.53848665 0.27419365  0.79677490 -18.98161 
17 'helical symmetry operation' ?     ?     0.07541166  0.98147168  -0.17614552 -28.18020 -0.67286499 -0.08028261 -0.73539674 -15.01058 -0.73591209 0.17397989  0.65434295 -36.47811 
18 'helical symmetry operation' ?     ?     -0.27308377 0.87282714  -0.40447220 -33.30431 -0.44790054 -0.48746227 -0.74951004 -2.27185  -0.85135778 -0.02351580 0.52405804 -50.89312 
19 'helical symmetry operation' ?     ?     -0.50696545 0.58944230  -0.62892221 -33.98713 -0.08645129 -0.76072800 -0.64328711 14.57629  -0.85761970 -0.27175340 0.43662145 -61.47631 
20 'helical symmetry operation' ?     ?     -0.57112061 0.19809594  -0.79660502 -28.61401 0.32630862  -0.83568645 -0.44175922 32.45959  -0.75322258 -0.51223678 0.41263706 -68.38033 
21 'helical symmetry operation' ?     ?     0.99850762  0.05197949  0.01676759  -31.09379 -0.05148137 0.99825631  -0.02888893 -20.71697 -0.01823975 0.02798274  0.99944207 55.44130  
22 'helical symmetry operation' ?     ?     0.88317953  0.46003460  0.09144341  -30.19112 -0.42104256 0.86350777  -0.27762793 -28.83020 -0.20668064 0.20669368  0.95632670 37.28364  
23 'helical symmetry operation' ?     ?     0.60999476  0.79062181  0.05313429  -34.30854 -0.66044687 0.54432058  -0.51722789 -31.94790 -0.43785389 0.28041384  0.85419667 18.05677  
24 'helical symmetry operation' ?     ?     0.24332836  0.96583998  -0.08913215 -41.02073 -0.71328009 0.11591009  -0.69122824 -28.44020 -0.65728451 0.23177165  0.71711855 -0.35463  
25 'helical symmetry operation' ?     ?     -0.13041604 0.94439893  -0.30183154 -47.29189 -0.56709160 -0.32077028 -0.75862606 -18.23799 -0.81326425 0.07222911  0.57739433 -16.25843 
26 'helical symmetry operation' ?     ?     -0.42316621 0.73135117  -0.53484166 -50.18891 -0.25633045 -0.66281755 -0.70353914 -2.85060  -0.86903673 -0.16061786 0.46794977 -28.55301 
27 'helical symmetry operation' ?     ?     -0.56593621 0.37690111  -0.73325411 -47.57526 0.14577301  -0.82962904 -0.53894871 14.99303  -0.81145935 -0.41189930 0.41457525 -36.98732 
28 'helical symmetry operation' ?     ?     -0.52508252 -0.03542618 -0.85031350 -38.61176 0.54446426  -0.78189587 -0.30363993 31.98133  -0.65409995 -0.62240141 0.42984839 -42.22057 
29 'helical symmetry operation' ?     ?     -0.31023286 -0.40846608 -0.85843519 -23.95642 0.84579219  -0.53086701 -0.05306327 45.00786  -0.43404040 -0.74251977 0.51016987 -45.66558 
30 'helical symmetry operation' ?     ?     0.02798504  -0.65431343 -0.75570500 -5.60750  0.97875006  -0.13569556 0.15373414  51.89796  -0.20313648 -0.74394879 0.63661252 -49.15660 
31 'helical symmetry operation' ?     ?     0.40986989  0.91200746  -0.01580044 -53.77561 -0.71503536 0.31049606  -0.62635238 -40.56944 -0.56633178 0.26802103  0.77938005 36.25593  
32 'helical symmetry operation' ?     ?     0.02798504  0.97875006  -0.20313648 -60.62376 -0.65431343 -0.13569556 -0.74394879 -33.19683 -0.75570500 0.15373414  0.63661252 19.07753  
33 'helical symmetry operation' ?     ?     -0.31023286 0.84579219  -0.43404040 -65.32018 -0.40846608 -0.53086701 -0.74251977 -19.79994 -0.85843519 -0.05306327 0.51016987 5.12032   
34 'helical symmetry operation' ?     ?     -0.52508252 0.54446426  -0.65409995 -65.30400 -0.03542618 -0.78189587 -0.62240141 -2.64032  -0.85031350 -0.30363993 0.42984839 -4.97324  
35 'helical symmetry operation' ?     ?     -0.56593621 0.14577301  -0.81145935 -59.12447 0.37690111  -0.82962904 -0.41189930 15.13451  -0.73325411 -0.53894871 0.41457525 -11.47069 
36 'helical symmetry operation' ?     ?     -0.42316621 -0.25633045 -0.86903673 -46.78215 0.73135117  -0.66281755 -0.16061786 30.23021  -0.53484166 -0.70353914 0.46794977 -15.48701 
37 'helical symmetry operation' ?     ?     -0.13041604 -0.56709160 -0.81326425 -29.73243 0.94439893  -0.32077028 0.07222911  39.98651  -0.30183154 -0.75862606 0.57739433 -18.72237 
38 'helical symmetry operation' ?     ?     0.24332836  -0.71328009 -0.65728451 -10.53742 0.96583998  0.11591009  0.23177165  42.99816  -0.08913215 -0.69122824 0.71711855 -23.06062 
39 'helical symmetry operation' ?     ?     0.60999476  -0.66044687 -0.43785389 7.73412   0.79062181  0.54432058  0.28041384  39.45178  0.05313429  -0.51722789 0.85419667 -30.12550 
40 'helical symmetry operation' ?     ?     0.88317953  -0.42104256 -0.20668064 22.23113  0.46003460  0.86350777  0.20669368  31.07789  0.09144341  -0.27762793 0.95632670 -40.89865 
41 'helical symmetry operation' ?     ?     -0.45043033 0.69311377  -0.56276667 -81.83501 -0.20899291 -0.69467276 -0.68829668 -20.15373 -0.86800633 -0.19241530 0.45775709 27.73981  
42 'helical symmetry operation' ?     ?     -0.57112061 0.32630862  -0.75322258 -78.43900 0.19809594  -0.83568645 -0.51223678 -2.23228  -0.79660502 -0.44175922 0.41263706 19.76189  
43 'helical symmetry operation' ?     ?     -0.50696545 -0.08645129 -0.85761970 -68.69385 0.58944230  -0.76072800 -0.27175340 14.41557  -0.62892221 -0.64328711 0.43662145 14.84311  
44 'helical symmetry operation' ?     ?     -0.27308377 -0.44790054 -0.85135778 -53.44082 0.87282714  -0.48746227 -0.02351580 26.76468  -0.40447220 -0.74951004 0.52405804 11.49743  
45 'helical symmetry operation' ?     ?     0.07541166  -0.67286499 -0.73591209 -34.81961 0.98147168  -0.08028261 0.17397989  32.79942  -0.17614552 -0.73539674 0.65434295 7.86667   
46 'helical symmetry operation' ?     ?     0.45639888  -0.70833107 -0.53848665 -15.76375 0.88977284  0.36486022  0.27419365  31.99245  0.00225283  -0.60427226 0.79677490 2.15985   
47 'helical symmetry operation' ?     ?     0.78009811  -0.54594118 -0.30560483 0.69056   0.61933946  0.74306815  0.25351005  25.42965  0.08868321  -0.38703610 0.91778975 -6.92458  
48 'helical symmetry operation' ?     ?     0.97023180  -0.22396391 -0.09214450 12.12126  0.23389987  0.96521904  0.11680443  15.55353  0.06277973  -0.13487990 0.98887117 -19.89156 
49 'helical symmetry operation' ?     ?     0.98199385  0.18172904  0.05159257  17.28884  -0.17571900 0.97896174  -0.10371001 5.58641   -0.06935468 0.09277654  0.99326841 -36.33213 
50 'helical symmetry operation' ?     ?     0.81261428  0.57553716  0.09173602  16.43042  -0.51299204 0.78105982  -0.35606922 -1.22779  -0.27658215 0.24228723  0.92994591 -55.01831  
# 
loop_
_struct_conf.conf_type_id 
_struct_conf.id 
_struct_conf.pdbx_PDB_helix_id 
_struct_conf.beg_label_comp_id 
_struct_conf.beg_label_asym_id 
_struct_conf.beg_label_seq_id 
_struct_conf.pdbx_beg_PDB_ins_code 
_struct_conf.end_label_comp_id 
_struct_conf.end_label_asym_id 
_struct_conf.end_label_seq_id 
_struct_conf.pdbx_end_PDB_ins_code 
_struct_conf.beg_auth_comp_id 
_struct_conf.beg_auth_asym_id 
_struct_conf.beg_auth_seq_id 
_struct_conf.end_auth_comp_id 
_struct_conf.end_auth_asym_id 
_struct_conf.end_auth_seq_id 
_struct_conf.pdbx_PDB_helix_class 
_struct_conf.details 
_struct_conf.pdbx_PDB_helix_length 
HELX_P HELX_P1 AA1 MET A 60  ? SER A 62  ? MET A 9  SER A 11 5 ? 3  
HELX_P HELX_P2 AA2 GLY A 63  ? PHE A 71  ? GLY A 12 PHE A 20 1 ? 9  
HELX_P HELX_P3 AA3 SER A 75  ? LYS A 97  ? SER A 24 LYS A 46 1 ? 23 
HELX_P HELX_P4 AA4 ASN A 98  ? LEU A 102 ? ASN A 47 LEU A 51 5 ? 5  
HELX_P HELX_P5 AA5 ALA A 103 ? GLY A 120 ? ALA A 52 GLY A 69 1 ? 18 
# 
_struct_conf_type.id          HELX_P 
_struct_conf_type.criteria    ? 
_struct_conf_type.reference   ? 
# 
_pdbx_entry_details.entry_id                   9MOQ 
_pdbx_entry_details.nonpolymer_details         ? 
_pdbx_entry_details.sequence_details           ? 
_pdbx_entry_details.compound_details           ? 
_pdbx_entry_details.source_details             ? 
_pdbx_entry_details.has_ligand_of_interest     Y 
_pdbx_entry_details.has_protein_modification   N 
# 
_pdbx_validate_torsion.id              1 
_pdbx_validate_torsion.PDB_model_num   1 
_pdbx_validate_torsion.auth_comp_id    ASP 
_pdbx_validate_torsion.auth_asym_id    A 
_pdbx_validate_torsion.auth_seq_id     23 
_pdbx_validate_torsion.PDB_ins_code    ? 
_pdbx_validate_torsion.label_alt_id    ? 
_pdbx_validate_torsion.phi             -101.80 
_pdbx_validate_torsion.psi             79.07 
# 
_pdbx_helical_symmetry.entry_id                  9MOQ 
_pdbx_helical_symmetry.number_of_operations      10 
_pdbx_helical_symmetry.rotation_per_n_subunits   28.094 
_pdbx_helical_symmetry.rise_per_n_subunits       13.366 
_pdbx_helical_symmetry.n_subunits_divisor        1 
_pdbx_helical_symmetry.dyad_axis                 no 
_pdbx_helical_symmetry.circular_symmetry         5 
# 
_em_3d_fitting.id                1 
_em_3d_fitting.entry_id          9MOQ 
_em_3d_fitting.method            ? 
_em_3d_fitting.target_criteria   ? 
_em_3d_fitting.details           ? 
_em_3d_fitting.overall_b_value   ? 
_em_3d_fitting.ref_space         ? 
_em_3d_fitting.ref_protocol      ? 
# 
_em_3d_reconstruction.entry_id                    9MOQ 
_em_3d_reconstruction.id                          1 
_em_3d_reconstruction.method                      ? 
_em_3d_reconstruction.algorithm                   ? 
_em_3d_reconstruction.citation_id                 ? 
_em_3d_reconstruction.details                     ? 
_em_3d_reconstruction.resolution                  3.5 
_em_3d_reconstruction.resolution_method           'FSC 0.143 CUT-OFF' 
_em_3d_reconstruction.magnification_calibration   ? 
_em_3d_reconstruction.nominal_pixel_size          ? 
_em_3d_reconstruction.actual_pixel_size           ? 
_em_3d_reconstruction.num_particles               89344 
_em_3d_reconstruction.euler_angles_details        ? 
_em_3d_reconstruction.num_class_averages          ? 
_em_3d_reconstruction.refinement_type             ? 
_em_3d_reconstruction.image_processing_id         1 
_em_3d_reconstruction.symmetry_type               HELICAL 
# 
_em_buffer.id            1 
_em_buffer.specimen_id   1 
_em_buffer.name          ? 
_em_buffer.details       ? 
_em_buffer.pH            7.5 
# 
_em_entity_assembly.id                   1 
_em_entity_assembly.parent_id            0 
_em_entity_assembly.source               NATURAL 
_em_entity_assembly.type                 COMPLEX 
_em_entity_assembly.name                 F-pilus 
_em_entity_assembly.details              ? 
_em_entity_assembly.synonym              ? 
_em_entity_assembly.oligomeric_details   ? 
_em_entity_assembly.entity_id_list       1 
# 
_em_imaging.entry_id                        9MOQ 
_em_imaging.id                              1 
_em_imaging.astigmatism                     ? 
_em_imaging.electron_beam_tilt_params       ? 
_em_imaging.residual_tilt                   ? 
_em_imaging.microscope_model                'TFS KRIOS' 
_em_imaging.specimen_holder_type            ? 
_em_imaging.specimen_holder_model           ? 
_em_imaging.details                         ? 
_em_imaging.date                            ? 
_em_imaging.accelerating_voltage            300 
_em_imaging.illumination_mode               'FLOOD BEAM' 
_em_imaging.mode                            OTHER 
_em_imaging.nominal_cs                      ? 
_em_imaging.nominal_defocus_min             800 
_em_imaging.nominal_defocus_max             2400 
_em_imaging.calibrated_defocus_min          ? 
_em_imaging.calibrated_defocus_max          ? 
_em_imaging.tilt_angle_min                  ? 
_em_imaging.tilt_angle_max                  ? 
_em_imaging.nominal_magnification           ? 
_em_imaging.calibrated_magnification        ? 
_em_imaging.electron_source                 'FIELD EMISSION GUN' 
_em_imaging.citation_id                     ? 
_em_imaging.temperature                     ? 
_em_imaging.detector_distance               ? 
_em_imaging.recording_temperature_minimum   ? 
_em_imaging.recording_temperature_maximum   ? 
_em_imaging.alignment_procedure             ? 
_em_imaging.c2_aperture_diameter            ? 
_em_imaging.specimen_id                     1 
_em_imaging.cryogen                         ? 
# 
_em_vitrification.entry_id              9MOQ 
_em_vitrification.id                    1 
_em_vitrification.specimen_id           1 
_em_vitrification.cryogen_name          ETHANE 
_em_vitrification.humidity              ? 
_em_vitrification.temp                  ? 
_em_vitrification.chamber_temperature   ? 
_em_vitrification.instrument            ? 
_em_vitrification.method                ? 
_em_vitrification.time_resolved_state   ? 
_em_vitrification.citation_id           ? 
_em_vitrification.details               ? 
# 
_em_experiment.entry_id                9MOQ 
_em_experiment.id                      1 
_em_experiment.reconstruction_method   HELICAL 
_em_experiment.aggregation_state       FILAMENT 
_em_experiment.entity_assembly_id      1 
# 
loop_
_pdbx_unobs_or_zero_occ_residues.id 
_pdbx_unobs_or_zero_occ_residues.PDB_model_num 
_pdbx_unobs_or_zero_occ_residues.polymer_flag 
_pdbx_unobs_or_zero_occ_residues.occupancy_flag 
_pdbx_unobs_or_zero_occ_residues.auth_asym_id 
_pdbx_unobs_or_zero_occ_residues.auth_comp_id 
_pdbx_unobs_or_zero_occ_residues.auth_seq_id 
_pdbx_unobs_or_zero_occ_residues.PDB_ins_code 
_pdbx_unobs_or_zero_occ_residues.label_asym_id 
_pdbx_unobs_or_zero_occ_residues.label_comp_id 
_pdbx_unobs_or_zero_occ_residues.label_seq_id 
1  1 Y 1 A MET -50 ? A MET 1  
2  1 Y 1 A ASN -49 ? A ASN 2  
3  1 Y 1 A ALA -48 ? A ALA 3  
4  1 Y 1 A VAL -47 ? A VAL 4  
5  1 Y 1 A LEU -46 ? A LEU 5  
6  1 Y 1 A SER -45 ? A SER 6  
7  1 Y 1 A VAL -44 ? A VAL 7  
8  1 Y 1 A GLN -43 ? A GLN 8  
9  1 Y 1 A GLY -42 ? A GLY 9  
10 1 Y 1 A ALA -41 ? A ALA 10 
11 1 Y 1 A SER -40 ? A SER 11 
12 1 Y 1 A ALA -39 ? A ALA 12 
13 1 Y 1 A PRO -38 ? A PRO 13 
14 1 Y 1 A VAL -37 ? A VAL 14 
15 1 Y 1 A LYS -36 ? A LYS 15 
16 1 Y 1 A LYS -35 ? A LYS 16 
17 1 Y 1 A LYS -34 ? A LYS 17 
18 1 Y 1 A SER -33 ? A SER 18 
19 1 Y 1 A PHE -32 ? A PHE 19 
20 1 Y 1 A PHE -31 ? A PHE 20 
21 1 Y 1 A SER -30 ? A SER 21 
22 1 Y 1 A LYS -29 ? A LYS 22 
23 1 Y 1 A PHE -28 ? A PHE 23 
24 1 Y 1 A THR -27 ? A THR 24 
25 1 Y 1 A ARG -26 ? A ARG 25 
26 1 Y 1 A LEU -25 ? A LEU 26 
27 1 Y 1 A ASN -24 ? A ASN 27 
28 1 Y 1 A MET -23 ? A MET 28 
29 1 Y 1 A LEU -22 ? A LEU 29 
30 1 Y 1 A ARG -21 ? A ARG 30 
31 1 Y 1 A LEU -20 ? A LEU 31 
32 1 Y 1 A ALA -19 ? A ALA 32 
33 1 Y 1 A ARG -18 ? A ARG 33 
34 1 Y 1 A ALA -17 ? A ALA 34 
35 1 Y 1 A VAL -16 ? A VAL 35 
36 1 Y 1 A ILE -15 ? A ILE 36 
37 1 Y 1 A PRO -14 ? A PRO 37 
38 1 Y 1 A ALA -13 ? A ALA 38 
39 1 Y 1 A ALA -12 ? A ALA 39 
40 1 Y 1 A VAL -11 ? A VAL 40 
41 1 Y 1 A LEU -10 ? A LEU 41 
42 1 Y 1 A MET -9  ? A MET 42 
43 1 Y 1 A MET -8  ? A MET 43 
44 1 Y 1 A PHE -7  ? A PHE 44 
45 1 Y 1 A PHE -6  ? A PHE 45 
46 1 Y 1 A PRO -5  ? A PRO 46 
47 1 Y 1 A GLN -4  ? A GLN 47 
48 1 Y 1 A LEU -3  ? A LEU 48 
49 1 Y 1 A ALA -2  ? A ALA 49 
50 1 Y 1 A MET -1  ? A MET 50 
51 1 Y 1 A ALA 0   ? A ALA 51 
52 1 Y 1 A ALA 1   ? A ALA 52 
53 1 Y 1 A GLY 2   ? A GLY 53 
54 1 Y 1 A SER 3   ? A SER 54 
55 1 Y 1 A SER 4   ? A SER 55 
56 1 Y 1 A GLY 5   ? A GLY 56 
# 
loop_
_chem_comp_atom.comp_id 
_chem_comp_atom.atom_id 
_chem_comp_atom.type_symbol 
_chem_comp_atom.pdbx_aromatic_flag 
_chem_comp_atom.pdbx_stereo_config 
_chem_comp_atom.pdbx_ordinal 
ALA N    N N N 1   
ALA CA   C N S 2   
ALA C    C N N 3   
ALA O    O N N 4   
ALA CB   C N N 5   
ALA OXT  O N N 6   
ALA H    H N N 7   
ALA H2   H N N 8   
ALA HA   H N N 9   
ALA HB1  H N N 10  
ALA HB2  H N N 11  
ALA HB3  H N N 12  
ALA HXT  H N N 13  
ARG N    N N N 14  
ARG CA   C N S 15  
ARG C    C N N 16  
ARG O    O N N 17  
ARG CB   C N N 18  
ARG CG   C N N 19  
ARG CD   C N N 20  
ARG NE   N N N 21  
ARG CZ   C N N 22  
ARG NH1  N N N 23  
ARG NH2  N N N 24  
ARG OXT  O N N 25  
ARG H    H N N 26  
ARG H2   H N N 27  
ARG HA   H N N 28  
ARG HB2  H N N 29  
ARG HB3  H N N 30  
ARG HG2  H N N 31  
ARG HG3  H N N 32  
ARG HD2  H N N 33  
ARG HD3  H N N 34  
ARG HE   H N N 35  
ARG HH11 H N N 36  
ARG HH12 H N N 37  
ARG HH21 H N N 38  
ARG HH22 H N N 39  
ARG HXT  H N N 40  
ASN N    N N N 41  
ASN CA   C N S 42  
ASN C    C N N 43  
ASN O    O N N 44  
ASN CB   C N N 45  
ASN CG   C N N 46  
ASN OD1  O N N 47  
ASN ND2  N N N 48  
ASN OXT  O N N 49  
ASN H    H N N 50  
ASN H2   H N N 51  
ASN HA   H N N 52  
ASN HB2  H N N 53  
ASN HB3  H N N 54  
ASN HD21 H N N 55  
ASN HD22 H N N 56  
ASN HXT  H N N 57  
ASP N    N N N 58  
ASP CA   C N S 59  
ASP C    C N N 60  
ASP O    O N N 61  
ASP CB   C N N 62  
ASP CG   C N N 63  
ASP OD1  O N N 64  
ASP OD2  O N N 65  
ASP OXT  O N N 66  
ASP H    H N N 67  
ASP H2   H N N 68  
ASP HA   H N N 69  
ASP HB2  H N N 70  
ASP HB3  H N N 71  
ASP HD2  H N N 72  
ASP HXT  H N N 73  
GLN N    N N N 74  
GLN CA   C N S 75  
GLN C    C N N 76  
GLN O    O N N 77  
GLN CB   C N N 78  
GLN CG   C N N 79  
GLN CD   C N N 80  
GLN OE1  O N N 81  
GLN NE2  N N N 82  
GLN OXT  O N N 83  
GLN H    H N N 84  
GLN H2   H N N 85  
GLN HA   H N N 86  
GLN HB2  H N N 87  
GLN HB3  H N N 88  
GLN HG2  H N N 89  
GLN HG3  H N N 90  
GLN HE21 H N N 91  
GLN HE22 H N N 92  
GLN HXT  H N N 93  
GLU N    N N N 94  
GLU CA   C N S 95  
GLU C    C N N 96  
GLU O    O N N 97  
GLU CB   C N N 98  
GLU CG   C N N 99  
GLU CD   C N N 100 
GLU OE1  O N N 101 
GLU OE2  O N N 102 
GLU OXT  O N N 103 
GLU H    H N N 104 
GLU H2   H N N 105 
GLU HA   H N N 106 
GLU HB2  H N N 107 
GLU HB3  H N N 108 
GLU HG2  H N N 109 
GLU HG3  H N N 110 
GLU HE2  H N N 111 
GLU HXT  H N N 112 
GLY N    N N N 113 
GLY CA   C N N 114 
GLY C    C N N 115 
GLY O    O N N 116 
GLY OXT  O N N 117 
GLY H    H N N 118 
GLY H2   H N N 119 
GLY HA2  H N N 120 
GLY HA3  H N N 121 
GLY HXT  H N N 122 
ILE N    N N N 123 
ILE CA   C N S 124 
ILE C    C N N 125 
ILE O    O N N 126 
ILE CB   C N S 127 
ILE CG1  C N N 128 
ILE CG2  C N N 129 
ILE CD1  C N N 130 
ILE OXT  O N N 131 
ILE H    H N N 132 
ILE H2   H N N 133 
ILE HA   H N N 134 
ILE HB   H N N 135 
ILE HG12 H N N 136 
ILE HG13 H N N 137 
ILE HG21 H N N 138 
ILE HG22 H N N 139 
ILE HG23 H N N 140 
ILE HD11 H N N 141 
ILE HD12 H N N 142 
ILE HD13 H N N 143 
ILE HXT  H N N 144 
LEU N    N N N 145 
LEU CA   C N S 146 
LEU C    C N N 147 
LEU O    O N N 148 
LEU CB   C N N 149 
LEU CG   C N N 150 
LEU CD1  C N N 151 
LEU CD2  C N N 152 
LEU OXT  O N N 153 
LEU H    H N N 154 
LEU H2   H N N 155 
LEU HA   H N N 156 
LEU HB2  H N N 157 
LEU HB3  H N N 158 
LEU HG   H N N 159 
LEU HD11 H N N 160 
LEU HD12 H N N 161 
LEU HD13 H N N 162 
LEU HD21 H N N 163 
LEU HD22 H N N 164 
LEU HD23 H N N 165 
LEU HXT  H N N 166 
LYS N    N N N 167 
LYS CA   C N S 168 
LYS C    C N N 169 
LYS O    O N N 170 
LYS CB   C N N 171 
LYS CG   C N N 172 
LYS CD   C N N 173 
LYS CE   C N N 174 
LYS NZ   N N N 175 
LYS OXT  O N N 176 
LYS H    H N N 177 
LYS H2   H N N 178 
LYS HA   H N N 179 
LYS HB2  H N N 180 
LYS HB3  H N N 181 
LYS HG2  H N N 182 
LYS HG3  H N N 183 
LYS HD2  H N N 184 
LYS HD3  H N N 185 
LYS HE2  H N N 186 
LYS HE3  H N N 187 
LYS HZ1  H N N 188 
LYS HZ2  H N N 189 
LYS HZ3  H N N 190 
LYS HXT  H N N 191 
MET N    N N N 192 
MET CA   C N S 193 
MET C    C N N 194 
MET O    O N N 195 
MET CB   C N N 196 
MET CG   C N N 197 
MET SD   S N N 198 
MET CE   C N N 199 
MET OXT  O N N 200 
MET H    H N N 201 
MET H2   H N N 202 
MET HA   H N N 203 
MET HB2  H N N 204 
MET HB3  H N N 205 
MET HG2  H N N 206 
MET HG3  H N N 207 
MET HE1  H N N 208 
MET HE2  H N N 209 
MET HE3  H N N 210 
MET HXT  H N N 211 
PHE N    N N N 212 
PHE CA   C N S 213 
PHE C    C N N 214 
PHE O    O N N 215 
PHE CB   C N N 216 
PHE CG   C Y N 217 
PHE CD1  C Y N 218 
PHE CD2  C Y N 219 
PHE CE1  C Y N 220 
PHE CE2  C Y N 221 
PHE CZ   C Y N 222 
PHE OXT  O N N 223 
PHE H    H N N 224 
PHE H2   H N N 225 
PHE HA   H N N 226 
PHE HB2  H N N 227 
PHE HB3  H N N 228 
PHE HD1  H N N 229 
PHE HD2  H N N 230 
PHE HE1  H N N 231 
PHE HE2  H N N 232 
PHE HZ   H N N 233 
PHE HXT  H N N 234 
PRO N    N N N 235 
PRO CA   C N S 236 
PRO C    C N N 237 
PRO O    O N N 238 
PRO CB   C N N 239 
PRO CG   C N N 240 
PRO CD   C N N 241 
PRO OXT  O N N 242 
PRO H    H N N 243 
PRO HA   H N N 244 
PRO HB2  H N N 245 
PRO HB3  H N N 246 
PRO HG2  H N N 247 
PRO HG3  H N N 248 
PRO HD2  H N N 249 
PRO HD3  H N N 250 
PRO HXT  H N N 251 
SER N    N N N 252 
SER CA   C N S 253 
SER C    C N N 254 
SER O    O N N 255 
SER CB   C N N 256 
SER OG   O N N 257 
SER OXT  O N N 258 
SER H    H N N 259 
SER H2   H N N 260 
SER HA   H N N 261 
SER HB2  H N N 262 
SER HB3  H N N 263 
SER HG   H N N 264 
SER HXT  H N N 265 
THR N    N N N 266 
THR CA   C N S 267 
THR C    C N N 268 
THR O    O N N 269 
THR CB   C N R 270 
THR OG1  O N N 271 
THR CG2  C N N 272 
THR OXT  O N N 273 
THR H    H N N 274 
THR H2   H N N 275 
THR HA   H N N 276 
THR HB   H N N 277 
THR HG1  H N N 278 
THR HG21 H N N 279 
THR HG22 H N N 280 
THR HG23 H N N 281 
THR HXT  H N N 282 
TRP N    N N N 283 
TRP CA   C N S 284 
TRP C    C N N 285 
TRP O    O N N 286 
TRP CB   C N N 287 
TRP CG   C Y N 288 
TRP CD1  C Y N 289 
TRP CD2  C Y N 290 
TRP NE1  N Y N 291 
TRP CE2  C Y N 292 
TRP CE3  C Y N 293 
TRP CZ2  C Y N 294 
TRP CZ3  C Y N 295 
TRP CH2  C Y N 296 
TRP OXT  O N N 297 
TRP H    H N N 298 
TRP H2   H N N 299 
TRP HA   H N N 300 
TRP HB2  H N N 301 
TRP HB3  H N N 302 
TRP HD1  H N N 303 
TRP HE1  H N N 304 
TRP HE3  H N N 305 
TRP HZ2  H N N 306 
TRP HZ3  H N N 307 
TRP HH2  H N N 308 
TRP HXT  H N N 309 
TYR N    N N N 310 
TYR CA   C N S 311 
TYR C    C N N 312 
TYR O    O N N 313 
TYR CB   C N N 314 
TYR CG   C Y N 315 
TYR CD1  C Y N 316 
TYR CD2  C Y N 317 
TYR CE1  C Y N 318 
TYR CE2  C Y N 319 
TYR CZ   C Y N 320 
TYR OH   O N N 321 
TYR OXT  O N N 322 
TYR H    H N N 323 
TYR H2   H N N 324 
TYR HA   H N N 325 
TYR HB2  H N N 326 
TYR HB3  H N N 327 
TYR HD1  H N N 328 
TYR HD2  H N N 329 
TYR HE1  H N N 330 
TYR HE2  H N N 331 
TYR HH   H N N 332 
TYR HXT  H N N 333 
VAL N    N N N 334 
VAL CA   C N S 335 
VAL C    C N N 336 
VAL O    O N N 337 
VAL CB   C N N 338 
VAL CG1  C N N 339 
VAL CG2  C N N 340 
VAL OXT  O N N 341 
VAL H    H N N 342 
VAL H2   H N N 343 
VAL HA   H N N 344 
VAL HB   H N N 345 
VAL HG11 H N N 346 
VAL HG12 H N N 347 
VAL HG13 H N N 348 
VAL HG21 H N N 349 
VAL HG22 H N N 350 
VAL HG23 H N N 351 
VAL HXT  H N N 352 
X41 O1   O N N 353 
X41 O2   O N N 354 
X41 P1   P N N 355 
X41 O3   O N N 356 
X41 O4   O N N 357 
X41 C1   C N N 358 
X41 C2   C N R 359 
X41 C3   C N N 360 
X41 O5   O N N 361 
X41 C4   C N N 362 
X41 O6   O N N 363 
X41 C5   C N N 364 
X41 C6   C N N 365 
X41 C7   C N N 366 
X41 C8   C N N 367 
X41 C9   C N N 368 
X41 C10  C N N 369 
X41 C11  C N N 370 
X41 C12  C N N 371 
X41 C13  C N N 372 
X41 C14  C N N 373 
X41 C15  C N N 374 
X41 C16  C N N 375 
X41 C17  C N N 376 
X41 O7   O N N 377 
X41 C18  C N N 378 
X41 O8   O N N 379 
X41 C19  C N N 380 
X41 C20  C N N 381 
X41 C21  C N N 382 
X41 C22  C N N 383 
X41 C23  C N N 384 
X41 C24  C N N 385 
X41 C25  C N N 386 
X41 C26  C N N 387 
X41 C27  C N N 388 
X41 C28  C N N 389 
X41 C29  C N N 390 
X41 C30  C N N 391 
X41 C31  C N N 392 
X41 H1   H N N 393 
X41 H2   H N N 394 
X41 H3   H N N 395 
X41 H4   H N N 396 
X41 H5   H N N 397 
X41 H6   H N N 398 
X41 H7   H N N 399 
X41 H8   H N N 400 
X41 H9   H N N 401 
X41 H10  H N N 402 
X41 H11  H N N 403 
X41 H12  H N N 404 
X41 H13  H N N 405 
X41 H14  H N N 406 
X41 H15  H N N 407 
X41 H16  H N N 408 
X41 H17  H N N 409 
X41 H18  H N N 410 
X41 H19  H N N 411 
X41 H20  H N N 412 
X41 H21  H N N 413 
X41 H22  H N N 414 
X41 H23  H N N 415 
X41 H24  H N N 416 
X41 H25  H N N 417 
X41 H26  H N N 418 
X41 H27  H N N 419 
X41 H28  H N N 420 
X41 H29  H N N 421 
X41 H30  H N N 422 
X41 H31  H N N 423 
X41 H32  H N N 424 
X41 H33  H N N 425 
X41 H34  H N N 426 
X41 H35  H N N 427 
X41 H36  H N N 428 
X41 H37  H N N 429 
X41 H38  H N N 430 
X41 H39  H N N 431 
X41 H40  H N N 432 
X41 H41  H N N 433 
X41 H42  H N N 434 
X41 H43  H N N 435 
X41 H44  H N N 436 
X41 H45  H N N 437 
X41 H46  H N N 438 
X41 H47  H N N 439 
X41 H48  H N N 440 
X41 H49  H N N 441 
X41 H50  H N N 442 
X41 H51  H N N 443 
X41 H52  H N N 444 
X41 H53  H N N 445 
X41 H54  H N N 446 
X41 H55  H N N 447 
X41 H56  H N N 448 
X41 H57  H N N 449 
X41 H58  H N N 450 
# 
loop_
_chem_comp_bond.comp_id 
_chem_comp_bond.atom_id_1 
_chem_comp_bond.atom_id_2 
_chem_comp_bond.value_order 
_chem_comp_bond.pdbx_aromatic_flag 
_chem_comp_bond.pdbx_stereo_config 
_chem_comp_bond.pdbx_ordinal 
ALA N   CA   sing N N 1   
ALA N   H    sing N N 2   
ALA N   H2   sing N N 3   
ALA CA  C    sing N N 4   
ALA CA  CB   sing N N 5   
ALA CA  HA   sing N N 6   
ALA C   O    doub N N 7   
ALA C   OXT  sing N N 8   
ALA CB  HB1  sing N N 9   
ALA CB  HB2  sing N N 10  
ALA CB  HB3  sing N N 11  
ALA OXT HXT  sing N N 12  
ARG N   CA   sing N N 13  
ARG N   H    sing N N 14  
ARG N   H2   sing N N 15  
ARG CA  C    sing N N 16  
ARG CA  CB   sing N N 17  
ARG CA  HA   sing N N 18  
ARG C   O    doub N N 19  
ARG C   OXT  sing N N 20  
ARG CB  CG   sing N N 21  
ARG CB  HB2  sing N N 22  
ARG CB  HB3  sing N N 23  
ARG CG  CD   sing N N 24  
ARG CG  HG2  sing N N 25  
ARG CG  HG3  sing N N 26  
ARG CD  NE   sing N N 27  
ARG CD  HD2  sing N N 28  
ARG CD  HD3  sing N N 29  
ARG NE  CZ   sing N N 30  
ARG NE  HE   sing N N 31  
ARG CZ  NH1  sing N N 32  
ARG CZ  NH2  doub N N 33  
ARG NH1 HH11 sing N N 34  
ARG NH1 HH12 sing N N 35  
ARG NH2 HH21 sing N N 36  
ARG NH2 HH22 sing N N 37  
ARG OXT HXT  sing N N 38  
ASN N   CA   sing N N 39  
ASN N   H    sing N N 40  
ASN N   H2   sing N N 41  
ASN CA  C    sing N N 42  
ASN CA  CB   sing N N 43  
ASN CA  HA   sing N N 44  
ASN C   O    doub N N 45  
ASN C   OXT  sing N N 46  
ASN CB  CG   sing N N 47  
ASN CB  HB2  sing N N 48  
ASN CB  HB3  sing N N 49  
ASN CG  OD1  doub N N 50  
ASN CG  ND2  sing N N 51  
ASN ND2 HD21 sing N N 52  
ASN ND2 HD22 sing N N 53  
ASN OXT HXT  sing N N 54  
ASP N   CA   sing N N 55  
ASP N   H    sing N N 56  
ASP N   H2   sing N N 57  
ASP CA  C    sing N N 58  
ASP CA  CB   sing N N 59  
ASP CA  HA   sing N N 60  
ASP C   O    doub N N 61  
ASP C   OXT  sing N N 62  
ASP CB  CG   sing N N 63  
ASP CB  HB2  sing N N 64  
ASP CB  HB3  sing N N 65  
ASP CG  OD1  doub N N 66  
ASP CG  OD2  sing N N 67  
ASP OD2 HD2  sing N N 68  
ASP OXT HXT  sing N N 69  
GLN N   CA   sing N N 70  
GLN N   H    sing N N 71  
GLN N   H2   sing N N 72  
GLN CA  C    sing N N 73  
GLN CA  CB   sing N N 74  
GLN CA  HA   sing N N 75  
GLN C   O    doub N N 76  
GLN C   OXT  sing N N 77  
GLN CB  CG   sing N N 78  
GLN CB  HB2  sing N N 79  
GLN CB  HB3  sing N N 80  
GLN CG  CD   sing N N 81  
GLN CG  HG2  sing N N 82  
GLN CG  HG3  sing N N 83  
GLN CD  OE1  doub N N 84  
GLN CD  NE2  sing N N 85  
GLN NE2 HE21 sing N N 86  
GLN NE2 HE22 sing N N 87  
GLN OXT HXT  sing N N 88  
GLU N   CA   sing N N 89  
GLU N   H    sing N N 90  
GLU N   H2   sing N N 91  
GLU CA  C    sing N N 92  
GLU CA  CB   sing N N 93  
GLU CA  HA   sing N N 94  
GLU C   O    doub N N 95  
GLU C   OXT  sing N N 96  
GLU CB  CG   sing N N 97  
GLU CB  HB2  sing N N 98  
GLU CB  HB3  sing N N 99  
GLU CG  CD   sing N N 100 
GLU CG  HG2  sing N N 101 
GLU CG  HG3  sing N N 102 
GLU CD  OE1  doub N N 103 
GLU CD  OE2  sing N N 104 
GLU OE2 HE2  sing N N 105 
GLU OXT HXT  sing N N 106 
GLY N   CA   sing N N 107 
GLY N   H    sing N N 108 
GLY N   H2   sing N N 109 
GLY CA  C    sing N N 110 
GLY CA  HA2  sing N N 111 
GLY CA  HA3  sing N N 112 
GLY C   O    doub N N 113 
GLY C   OXT  sing N N 114 
GLY OXT HXT  sing N N 115 
ILE N   CA   sing N N 116 
ILE N   H    sing N N 117 
ILE N   H2   sing N N 118 
ILE CA  C    sing N N 119 
ILE CA  CB   sing N N 120 
ILE CA  HA   sing N N 121 
ILE C   O    doub N N 122 
ILE C   OXT  sing N N 123 
ILE CB  CG1  sing N N 124 
ILE CB  CG2  sing N N 125 
ILE CB  HB   sing N N 126 
ILE CG1 CD1  sing N N 127 
ILE CG1 HG12 sing N N 128 
ILE CG1 HG13 sing N N 129 
ILE CG2 HG21 sing N N 130 
ILE CG2 HG22 sing N N 131 
ILE CG2 HG23 sing N N 132 
ILE CD1 HD11 sing N N 133 
ILE CD1 HD12 sing N N 134 
ILE CD1 HD13 sing N N 135 
ILE OXT HXT  sing N N 136 
LEU N   CA   sing N N 137 
LEU N   H    sing N N 138 
LEU N   H2   sing N N 139 
LEU CA  C    sing N N 140 
LEU CA  CB   sing N N 141 
LEU CA  HA   sing N N 142 
LEU C   O    doub N N 143 
LEU C   OXT  sing N N 144 
LEU CB  CG   sing N N 145 
LEU CB  HB2  sing N N 146 
LEU CB  HB3  sing N N 147 
LEU CG  CD1  sing N N 148 
LEU CG  CD2  sing N N 149 
LEU CG  HG   sing N N 150 
LEU CD1 HD11 sing N N 151 
LEU CD1 HD12 sing N N 152 
LEU CD1 HD13 sing N N 153 
LEU CD2 HD21 sing N N 154 
LEU CD2 HD22 sing N N 155 
LEU CD2 HD23 sing N N 156 
LEU OXT HXT  sing N N 157 
LYS N   CA   sing N N 158 
LYS N   H    sing N N 159 
LYS N   H2   sing N N 160 
LYS CA  C    sing N N 161 
LYS CA  CB   sing N N 162 
LYS CA  HA   sing N N 163 
LYS C   O    doub N N 164 
LYS C   OXT  sing N N 165 
LYS CB  CG   sing N N 166 
LYS CB  HB2  sing N N 167 
LYS CB  HB3  sing N N 168 
LYS CG  CD   sing N N 169 
LYS CG  HG2  sing N N 170 
LYS CG  HG3  sing N N 171 
LYS CD  CE   sing N N 172 
LYS CD  HD2  sing N N 173 
LYS CD  HD3  sing N N 174 
LYS CE  NZ   sing N N 175 
LYS CE  HE2  sing N N 176 
LYS CE  HE3  sing N N 177 
LYS NZ  HZ1  sing N N 178 
LYS NZ  HZ2  sing N N 179 
LYS NZ  HZ3  sing N N 180 
LYS OXT HXT  sing N N 181 
MET N   CA   sing N N 182 
MET N   H    sing N N 183 
MET N   H2   sing N N 184 
MET CA  C    sing N N 185 
MET CA  CB   sing N N 186 
MET CA  HA   sing N N 187 
MET C   O    doub N N 188 
MET C   OXT  sing N N 189 
MET CB  CG   sing N N 190 
MET CB  HB2  sing N N 191 
MET CB  HB3  sing N N 192 
MET CG  SD   sing N N 193 
MET CG  HG2  sing N N 194 
MET CG  HG3  sing N N 195 
MET SD  CE   sing N N 196 
MET CE  HE1  sing N N 197 
MET CE  HE2  sing N N 198 
MET CE  HE3  sing N N 199 
MET OXT HXT  sing N N 200 
PHE N   CA   sing N N 201 
PHE N   H    sing N N 202 
PHE N   H2   sing N N 203 
PHE CA  C    sing N N 204 
PHE CA  CB   sing N N 205 
PHE CA  HA   sing N N 206 
PHE C   O    doub N N 207 
PHE C   OXT  sing N N 208 
PHE CB  CG   sing N N 209 
PHE CB  HB2  sing N N 210 
PHE CB  HB3  sing N N 211 
PHE CG  CD1  doub Y N 212 
PHE CG  CD2  sing Y N 213 
PHE CD1 CE1  sing Y N 214 
PHE CD1 HD1  sing N N 215 
PHE CD2 CE2  doub Y N 216 
PHE CD2 HD2  sing N N 217 
PHE CE1 CZ   doub Y N 218 
PHE CE1 HE1  sing N N 219 
PHE CE2 CZ   sing Y N 220 
PHE CE2 HE2  sing N N 221 
PHE CZ  HZ   sing N N 222 
PHE OXT HXT  sing N N 223 
PRO N   CA   sing N N 224 
PRO N   CD   sing N N 225 
PRO N   H    sing N N 226 
PRO CA  C    sing N N 227 
PRO CA  CB   sing N N 228 
PRO CA  HA   sing N N 229 
PRO C   O    doub N N 230 
PRO C   OXT  sing N N 231 
PRO CB  CG   sing N N 232 
PRO CB  HB2  sing N N 233 
PRO CB  HB3  sing N N 234 
PRO CG  CD   sing N N 235 
PRO CG  HG2  sing N N 236 
PRO CG  HG3  sing N N 237 
PRO CD  HD2  sing N N 238 
PRO CD  HD3  sing N N 239 
PRO OXT HXT  sing N N 240 
SER N   CA   sing N N 241 
SER N   H    sing N N 242 
SER N   H2   sing N N 243 
SER CA  C    sing N N 244 
SER CA  CB   sing N N 245 
SER CA  HA   sing N N 246 
SER C   O    doub N N 247 
SER C   OXT  sing N N 248 
SER CB  OG   sing N N 249 
SER CB  HB2  sing N N 250 
SER CB  HB3  sing N N 251 
SER OG  HG   sing N N 252 
SER OXT HXT  sing N N 253 
THR N   CA   sing N N 254 
THR N   H    sing N N 255 
THR N   H2   sing N N 256 
THR CA  C    sing N N 257 
THR CA  CB   sing N N 258 
THR CA  HA   sing N N 259 
THR C   O    doub N N 260 
THR C   OXT  sing N N 261 
THR CB  OG1  sing N N 262 
THR CB  CG2  sing N N 263 
THR CB  HB   sing N N 264 
THR OG1 HG1  sing N N 265 
THR CG2 HG21 sing N N 266 
THR CG2 HG22 sing N N 267 
THR CG2 HG23 sing N N 268 
THR OXT HXT  sing N N 269 
TRP N   CA   sing N N 270 
TRP N   H    sing N N 271 
TRP N   H2   sing N N 272 
TRP CA  C    sing N N 273 
TRP CA  CB   sing N N 274 
TRP CA  HA   sing N N 275 
TRP C   O    doub N N 276 
TRP C   OXT  sing N N 277 
TRP CB  CG   sing N N 278 
TRP CB  HB2  sing N N 279 
TRP CB  HB3  sing N N 280 
TRP CG  CD1  doub Y N 281 
TRP CG  CD2  sing Y N 282 
TRP CD1 NE1  sing Y N 283 
TRP CD1 HD1  sing N N 284 
TRP CD2 CE2  doub Y N 285 
TRP CD2 CE3  sing Y N 286 
TRP NE1 CE2  sing Y N 287 
TRP NE1 HE1  sing N N 288 
TRP CE2 CZ2  sing Y N 289 
TRP CE3 CZ3  doub Y N 290 
TRP CE3 HE3  sing N N 291 
TRP CZ2 CH2  doub Y N 292 
TRP CZ2 HZ2  sing N N 293 
TRP CZ3 CH2  sing Y N 294 
TRP CZ3 HZ3  sing N N 295 
TRP CH2 HH2  sing N N 296 
TRP OXT HXT  sing N N 297 
TYR N   CA   sing N N 298 
TYR N   H    sing N N 299 
TYR N   H2   sing N N 300 
TYR CA  C    sing N N 301 
TYR CA  CB   sing N N 302 
TYR CA  HA   sing N N 303 
TYR C   O    doub N N 304 
TYR C   OXT  sing N N 305 
TYR CB  CG   sing N N 306 
TYR CB  HB2  sing N N 307 
TYR CB  HB3  sing N N 308 
TYR CG  CD1  doub Y N 309 
TYR CG  CD2  sing Y N 310 
TYR CD1 CE1  sing Y N 311 
TYR CD1 HD1  sing N N 312 
TYR CD2 CE2  doub Y N 313 
TYR CD2 HD2  sing N N 314 
TYR CE1 CZ   doub Y N 315 
TYR CE1 HE1  sing N N 316 
TYR CE2 CZ   sing Y N 317 
TYR CE2 HE2  sing N N 318 
TYR CZ  OH   sing N N 319 
TYR OH  HH   sing N N 320 
TYR OXT HXT  sing N N 321 
VAL N   CA   sing N N 322 
VAL N   H    sing N N 323 
VAL N   H2   sing N N 324 
VAL CA  C    sing N N 325 
VAL CA  CB   sing N N 326 
VAL CA  HA   sing N N 327 
VAL C   O    doub N N 328 
VAL C   OXT  sing N N 329 
VAL CB  CG1  sing N N 330 
VAL CB  CG2  sing N N 331 
VAL CB  HB   sing N N 332 
VAL CG1 HG11 sing N N 333 
VAL CG1 HG12 sing N N 334 
VAL CG1 HG13 sing N N 335 
VAL CG2 HG21 sing N N 336 
VAL CG2 HG22 sing N N 337 
VAL CG2 HG23 sing N N 338 
VAL OXT HXT  sing N N 339 
X41 O1  P1   sing N N 340 
X41 O2  P1   doub N N 341 
X41 P1  O3   sing N N 342 
X41 P1  O4   sing N N 343 
X41 O3  H1   sing N N 344 
X41 O4  C1   sing N N 345 
X41 C1  C2   sing N N 346 
X41 C1  H2   sing N N 347 
X41 C1  H3   sing N N 348 
X41 C2  C3   sing N N 349 
X41 C2  O7   sing N N 350 
X41 C2  H4   sing N N 351 
X41 C3  O5   sing N N 352 
X41 C3  H5   sing N N 353 
X41 C3  H6   sing N N 354 
X41 O5  C4   sing N N 355 
X41 C4  O6   doub N N 356 
X41 C4  C5   sing N N 357 
X41 C5  C6   sing N N 358 
X41 C5  H7   sing N N 359 
X41 C5  H8   sing N N 360 
X41 C6  C7   sing N N 361 
X41 C6  H9   sing N N 362 
X41 C6  H10  sing N N 363 
X41 C7  C8   sing N N 364 
X41 C7  H11  sing N N 365 
X41 C7  H12  sing N N 366 
X41 C8  C9   sing N N 367 
X41 C8  H13  sing N N 368 
X41 C8  H14  sing N N 369 
X41 C9  C10  sing N N 370 
X41 C9  H15  sing N N 371 
X41 C9  H16  sing N N 372 
X41 C10 C11  sing N N 373 
X41 C10 H17  sing N N 374 
X41 C10 H18  sing N N 375 
X41 C11 C12  sing N N 376 
X41 C11 H19  sing N N 377 
X41 C11 H20  sing N N 378 
X41 C12 C13  doub N Z 379 
X41 C12 H21  sing N N 380 
X41 C13 C14  sing N N 381 
X41 C13 H22  sing N N 382 
X41 C14 C15  sing N N 383 
X41 C14 H23  sing N N 384 
X41 C14 H24  sing N N 385 
X41 C15 C16  sing N N 386 
X41 C15 H25  sing N N 387 
X41 C15 H26  sing N N 388 
X41 C16 C17  sing N N 389 
X41 C16 H27  sing N N 390 
X41 C16 H28  sing N N 391 
X41 C17 H29  sing N N 392 
X41 C17 H30  sing N N 393 
X41 C17 H31  sing N N 394 
X41 O7  C18  sing N N 395 
X41 C18 O8   doub N N 396 
X41 C18 C19  sing N N 397 
X41 C19 C20  sing N N 398 
X41 C19 H32  sing N N 399 
X41 C19 H33  sing N N 400 
X41 C20 C21  sing N N 401 
X41 C20 H34  sing N N 402 
X41 C20 H35  sing N N 403 
X41 C21 C22  sing N N 404 
X41 C21 H36  sing N N 405 
X41 C21 H37  sing N N 406 
X41 C22 C23  sing N N 407 
X41 C22 H38  sing N N 408 
X41 C22 H39  sing N N 409 
X41 C23 C24  sing N N 410 
X41 C23 H40  sing N N 411 
X41 C23 H41  sing N N 412 
X41 C24 C25  sing N N 413 
X41 C24 H42  sing N N 414 
X41 C24 H43  sing N N 415 
X41 C25 C26  sing N N 416 
X41 C25 H44  sing N N 417 
X41 C25 H45  sing N N 418 
X41 C26 C27  sing N N 419 
X41 C26 H46  sing N N 420 
X41 C26 H47  sing N N 421 
X41 C27 C28  sing N N 422 
X41 C27 H48  sing N N 423 
X41 C27 H49  sing N N 424 
X41 C28 C29  sing N N 425 
X41 C28 H50  sing N N 426 
X41 C28 H51  sing N N 427 
X41 C29 C30  sing N N 428 
X41 C29 H52  sing N N 429 
X41 C29 H53  sing N N 430 
X41 C30 C31  sing N N 431 
X41 C30 H54  sing N N 432 
X41 C30 H55  sing N N 433 
X41 C31 H56  sing N N 434 
X41 C31 H57  sing N N 435 
X41 C31 H58  sing N N 436 
# 
_em_admin.current_status     REL 
_em_admin.deposition_date    2024-12-26 
_em_admin.deposition_site    RCSB 
_em_admin.entry_id           9MOQ 
_em_admin.last_update        2025-01-15 
_em_admin.map_release_date   2025-01-15 
_em_admin.title              'Cryo-EM of F-pilus' 
# 
_em_ctf_correction.details                  ? 
_em_ctf_correction.em_image_processing_id   1 
_em_ctf_correction.id                       1 
_em_ctf_correction.type                     'PHASE FLIPPING AND AMPLITUDE CORRECTION' 
# 
_em_entity_assembly_molwt.entity_assembly_id   1 
_em_entity_assembly_molwt.experimental_flag    NO 
_em_entity_assembly_molwt.id                   1 
_em_entity_assembly_molwt.units                ? 
_em_entity_assembly_molwt.value                ? 
# 
_em_entity_assembly_naturalsource.cell                 ? 
_em_entity_assembly_naturalsource.cellular_location    ? 
_em_entity_assembly_naturalsource.entity_assembly_id   1 
_em_entity_assembly_naturalsource.id                   2 
_em_entity_assembly_naturalsource.ncbi_tax_id          562 
_em_entity_assembly_naturalsource.organism             'Escherichia coli' 
_em_entity_assembly_naturalsource.organelle            ? 
_em_entity_assembly_naturalsource.organ                ? 
_em_entity_assembly_naturalsource.strain               ? 
_em_entity_assembly_naturalsource.tissue               ? 
_em_entity_assembly_naturalsource.details              ? 
# 
_em_helical_entity.id                             1 
_em_helical_entity.image_processing_id            1 
_em_helical_entity.details                        ? 
_em_helical_entity.axial_symmetry                 C5 
_em_helical_entity.angular_rotation_per_subunit   28.094 
_em_helical_entity.axial_rise_per_subunit         13.366 
# 
_em_image_processing.details              ? 
_em_image_processing.id                   1 
_em_image_processing.image_recording_id   1 
# 
_em_image_recording.average_exposure_time               ? 
_em_image_recording.avg_electron_dose_per_subtomogram   ? 
_em_image_recording.avg_electron_dose_per_image         40 
_em_image_recording.details                             ? 
_em_image_recording.detector_mode                       ? 
_em_image_recording.film_or_detector_model              'FEI FALCON IV (4k x 4k)' 
_em_image_recording.id                                  1 
_em_image_recording.imaging_id                          1 
_em_image_recording.num_diffraction_images              ? 
_em_image_recording.num_grids_imaged                    ? 
_em_image_recording.num_real_images                     ? 
# 
loop_
_em_software.category 
_em_software.details 
_em_software.id 
_em_software.image_processing_id 
_em_software.fitting_id 
_em_software.imaging_id 
_em_software.name 
_em_software.version 
'PARTICLE SELECTION'       ? 1  1 ? ? ?      ?            
'MODEL REFINEMENT'         ? 2  ? ? ? PHENIX 1.15.2_3472: 
'IMAGE ACQUISITION'        ? 3  ? ? 1 ?      ?            
MASKING                    ? 4  ? ? ? ?      ?            
'CTF CORRECTION'           ? 5  1 ? ? ?      ?            
'LAYERLINE INDEXING'       ? 6  ? ? ? ?      ?            
'DIFFRACTION INDEXING'     ? 7  ? ? ? ?      ?            
'MODEL FITTING'            ? 8  ? ? ? ?      ?            
OTHER                      ? 9  ? ? ? ?      ?            
'INITIAL EULER ASSIGNMENT' ? 10 1 ? ? ?      ?            
'FINAL EULER ASSIGNMENT'   ? 11 1 ? ? ?      ?            
CLASSIFICATION             ? 12 1 ? ? ?      ?            
RECONSTRUCTION             ? 13 1 ? ? ?      ?            
# 
_em_specimen.concentration           ? 
_em_specimen.details                 ? 
_em_specimen.embedding_applied       NO 
_em_specimen.experiment_id           1 
_em_specimen.id                      1 
_em_specimen.shadowing_applied       NO 
_em_specimen.staining_applied        NO 
_em_specimen.vitrification_applied   YES 
# 
_pdbx_audit_support.funding_organization   
'National Institutes of Health/National Institute of General Medical Sciences (NIH/NIGMS)' 
_pdbx_audit_support.country                'United States' 
_pdbx_audit_support.grant_number           GM122510 
_pdbx_audit_support.ordinal                1 
# 
_atom_sites.entry_id                    9MOQ 
_atom_sites.Cartn_transf_matrix[1][1]   ? 
_atom_sites.Cartn_transf_matrix[1][2]   ? 
_atom_sites.Cartn_transf_matrix[1][3]   ? 
_atom_sites.Cartn_transf_matrix[2][1]   ? 
_atom_sites.Cartn_transf_matrix[2][2]   ? 
_atom_sites.Cartn_transf_matrix[2][3]   ? 
_atom_sites.Cartn_transf_matrix[3][1]   ? 
_atom_sites.Cartn_transf_matrix[3][2]   ? 
_atom_sites.Cartn_transf_matrix[3][3]   ? 
_atom_sites.Cartn_transf_vector[1]      ? 
_atom_sites.Cartn_transf_vector[2]      ? 
_atom_sites.Cartn_transf_vector[3]      ? 
_atom_sites.Cartn_transform_axes        ? 
_atom_sites.fract_transf_matrix[1][1]   1.000000 
_atom_sites.fract_transf_matrix[1][2]   0.000000 
_atom_sites.fract_transf_matrix[1][3]   0.000000 
_atom_sites.fract_transf_matrix[2][1]   0.000000 
_atom_sites.fract_transf_matrix[2][2]   1.000000 
_atom_sites.fract_transf_matrix[2][3]   0.000000 
_atom_sites.fract_transf_matrix[3][1]   0.000000 
_atom_sites.fract_transf_matrix[3][2]   0.000000 
_atom_sites.fract_transf_matrix[3][3]   1.000000 
_atom_sites.fract_transf_vector[1]      0.00000 
_atom_sites.fract_transf_vector[2]      0.00000 
_atom_sites.fract_transf_vector[3]      0.00000 
_atom_sites.solution_primary            ? 
_atom_sites.solution_secondary          ? 
_atom_sites.solution_hydrogens          ? 
_atom_sites.special_details             ? 
# 
loop_
_atom_type.symbol 
C 
H 
N 
O 
P 
S 
# 
loop_
_atom_site.group_PDB 
_atom_site.id 
_atom_site.type_symbol 
_atom_site.label_atom_id 
_atom_site.label_alt_id 
_atom_site.label_comp_id 
_atom_site.label_asym_id 
_atom_site.label_entity_id 
_atom_site.label_seq_id 
_atom_site.pdbx_PDB_ins_code 
_atom_site.Cartn_x 
_atom_site.Cartn_y 
_atom_site.Cartn_z 
_atom_site.occupancy 
_atom_site.B_iso_or_equiv 
_atom_site.pdbx_formal_charge 
_atom_site.auth_seq_id 
_atom_site.auth_comp_id 
_atom_site.auth_asym_id 
_atom_site.auth_atom_id 
_atom_site.pdbx_PDB_model_num 
ATOM   1   N N    . GLN A 1 57  ? -2.232  3.721   32.576  1.00 61.94 ? 6   GLN A N    1 
ATOM   2   C CA   . GLN A 1 57  ? -3.520  3.049   32.590  1.00 61.94 ? 6   GLN A CA   1 
ATOM   3   C C    . GLN A 1 57  ? -4.170  3.016   31.214  1.00 61.94 ? 6   GLN A C    1 
ATOM   4   O O    . GLN A 1 57  ? -5.302  3.448   31.042  1.00 61.94 ? 6   GLN A O    1 
ATOM   5   C CB   . GLN A 1 57  ? -4.454  3.719   33.592  1.00 61.94 ? 6   GLN A CB   1 
ATOM   6   C CG   . GLN A 1 57  ? -4.109  3.448   35.036  1.00 61.94 ? 6   GLN A CG   1 
ATOM   7   C CD   . GLN A 1 57  ? -5.070  4.111   35.992  1.00 61.94 ? 6   GLN A CD   1 
ATOM   8   O OE1  . GLN A 1 57  ? -5.911  4.905   35.587  1.00 61.94 ? 6   GLN A OE1  1 
ATOM   9   N NE2  . GLN A 1 57  ? -4.975  3.763   37.266  1.00 61.94 ? 6   GLN A NE2  1 
ATOM   10  N N    . ASP A 1 58  ? -3.444  2.496   30.236  1.00 55.29 ? 7   ASP A N    1 
ATOM   11  C CA   . ASP A 1 58  ? -3.944  2.365   28.878  1.00 55.29 ? 7   ASP A CA   1 
ATOM   12  C C    . ASP A 1 58  ? -4.490  0.953   28.699  1.00 55.29 ? 7   ASP A C    1 
ATOM   13  O O    . ASP A 1 58  ? -3.756  -0.022  28.870  1.00 55.29 ? 7   ASP A O    1 
ATOM   14  C CB   . ASP A 1 58  ? -2.818  2.655   27.887  1.00 55.29 ? 7   ASP A CB   1 
ATOM   15  C CG   . ASP A 1 58  ? -3.305  2.854   26.480  1.00 55.29 ? 7   ASP A CG   1 
ATOM   16  O OD1  . ASP A 1 58  ? -3.866  3.926   26.195  1.00 55.29 ? 7   ASP A OD1  1 
ATOM   17  O OD2  . ASP A 1 58  ? -3.116  1.948   25.649  1.00 55.29 ? 7   ASP A OD2  1 
ATOM   18  N N    . LEU A 1 59  ? -5.769  0.846   28.360  1.00 51.66 ? 8   LEU A N    1 
ATOM   19  C CA   . LEU A 1 59  ? -6.462  -0.438  28.381  1.00 51.66 ? 8   LEU A CA   1 
ATOM   20  C C    . LEU A 1 59  ? -6.402  -1.192  27.061  1.00 51.66 ? 8   LEU A C    1 
ATOM   21  O O    . LEU A 1 59  ? -6.848  -2.340  27.008  1.00 51.66 ? 8   LEU A O    1 
ATOM   22  C CB   . LEU A 1 59  ? -7.925  -0.246  28.784  1.00 51.66 ? 8   LEU A CB   1 
ATOM   23  C CG   . LEU A 1 59  ? -8.194  0.208   30.215  1.00 51.66 ? 8   LEU A CG   1 
ATOM   24  C CD1  . LEU A 1 59  ? -9.674  0.294   30.461  1.00 51.66 ? 8   LEU A CD1  1 
ATOM   25  C CD2  . LEU A 1 59  ? -7.561  -0.743  31.189  1.00 51.66 ? 8   LEU A CD2  1 
ATOM   26  N N    . MET A 1 60  ? -5.864  -0.598  26.001  1.00 49.03 ? 9   MET A N    1 
ATOM   27  C CA   . MET A 1 60  ? -5.740  -1.286  24.722  1.00 49.03 ? 9   MET A CA   1 
ATOM   28  C C    . MET A 1 60  ? -4.291  -1.389  24.273  1.00 49.03 ? 9   MET A C    1 
ATOM   29  O O    . MET A 1 60  ? -4.024  -1.532  23.079  1.00 49.03 ? 9   MET A O    1 
ATOM   30  C CB   . MET A 1 60  ? -6.582  -0.590  23.655  1.00 49.03 ? 9   MET A CB   1 
ATOM   31  C CG   . MET A 1 60  ? -8.065  -0.672  23.916  1.00 49.03 ? 9   MET A CG   1 
ATOM   32  S SD   . MET A 1 60  ? -9.065  -0.284  22.481  1.00 49.03 ? 9   MET A SD   1 
ATOM   33  C CE   . MET A 1 60  ? -10.691 -0.483  23.176  1.00 49.03 ? 9   MET A CE   1 
ATOM   34  N N    . ALA A 1 61  ? -3.351  -1.341  25.217  1.00 47.10 ? 10  ALA A N    1 
ATOM   35  C CA   . ALA A 1 61  ? -1.933  -1.344  24.887  1.00 47.10 ? 10  ALA A CA   1 
ATOM   36  C C    . ALA A 1 61  ? -1.427  -2.710  24.452  1.00 47.10 ? 10  ALA A C    1 
ATOM   37  O O    . ALA A 1 61  ? -0.353  -2.794  23.855  1.00 47.10 ? 10  ALA A O    1 
ATOM   38  C CB   . ALA A 1 61  ? -1.124  -0.862  26.088  1.00 47.10 ? 10  ALA A CB   1 
ATOM   39  N N    . SER A 1 62  ? -2.175  -3.774  24.727  1.00 45.27 ? 11  SER A N    1 
ATOM   40  C CA   . SER A 1 62  ? -1.698  -5.129  24.498  1.00 45.27 ? 11  SER A CA   1 
ATOM   41  C C    . SER A 1 62  ? -1.688  -5.533  23.030  1.00 45.27 ? 11  SER A C    1 
ATOM   42  O O    . SER A 1 62  ? -1.028  -6.516  22.688  1.00 45.27 ? 11  SER A O    1 
ATOM   43  C CB   . SER A 1 62  ? -2.560  -6.113  25.284  1.00 45.27 ? 11  SER A CB   1 
ATOM   44  O OG   . SER A 1 62  ? -2.830  -5.620  26.582  1.00 45.27 ? 11  SER A OG   1 
ATOM   45  N N    . GLY A 1 63  ? -2.388  -4.818  22.161  1.00 43.38 ? 12  GLY A N    1 
ATOM   46  C CA   . GLY A 1 63  ? -2.560  -5.259  20.796  1.00 43.38 ? 12  GLY A CA   1 
ATOM   47  C C    . GLY A 1 63  ? -1.618  -4.681  19.769  1.00 43.38 ? 12  GLY A C    1 
ATOM   48  O O    . GLY A 1 63  ? -1.493  -5.255  18.683  1.00 43.38 ? 12  GLY A O    1 
ATOM   49  N N    . ASN A 1 64  ? -0.925  -3.584  20.086  1.00 42.99 ? 13  ASN A N    1 
ATOM   50  C CA   . ASN A 1 64  ? -0.112  -2.902  19.083  1.00 42.99 ? 13  ASN A CA   1 
ATOM   51  C C    . ASN A 1 64  ? 0.761   -3.884  18.315  1.00 42.99 ? 13  ASN A C    1 
ATOM   52  O O    . ASN A 1 64  ? 0.745   -3.900  17.079  1.00 42.99 ? 13  ASN A O    1 
ATOM   53  C CB   . ASN A 1 64  ? 0.752   -1.830  19.743  1.00 42.99 ? 13  ASN A CB   1 
ATOM   54  C CG   . ASN A 1 64  ? -0.064  -0.735  20.388  1.00 42.99 ? 13  ASN A CG   1 
ATOM   55  O OD1  . ASN A 1 64  ? -0.396  0.257   19.752  1.00 42.99 ? 13  ASN A OD1  1 
ATOM   56  N ND2  . ASN A 1 64  ? -0.377  -0.902  21.659  1.00 42.99 ? 13  ASN A ND2  1 
ATOM   57  N N    . THR A 1 65  ? 1.487   -4.742  19.031  1.00 41.76 ? 14  THR A N    1 
ATOM   58  C CA   . THR A 1 65  ? 2.365   -5.702  18.374  1.00 41.76 ? 14  THR A CA   1 
ATOM   59  C C    . THR A 1 65  ? 1.653   -6.382  17.214  1.00 41.76 ? 14  THR A C    1 
ATOM   60  O O    . THR A 1 65  ? 2.055   -6.239  16.052  1.00 41.76 ? 14  THR A O    1 
ATOM   61  C CB   . THR A 1 65  ? 2.845   -6.748  19.377  1.00 41.76 ? 14  THR A CB   1 
ATOM   62  O OG1  . THR A 1 65  ? 3.115   -6.128  20.637  1.00 41.76 ? 14  THR A OG1  1 
ATOM   63  C CG2  . THR A 1 65  ? 4.105   -7.405  18.867  1.00 41.76 ? 14  THR A CG2  1 
ATOM   64  N N    . THR A 1 66  ? 0.549   -7.071  17.506  1.00 42.62 ? 15  THR A N    1 
ATOM   65  C CA   . THR A 1 66  ? -0.152  -7.795  16.455  1.00 42.62 ? 15  THR A CA   1 
ATOM   66  C C    . THR A 1 66  ? -0.505  -6.864  15.307  1.00 42.62 ? 15  THR A C    1 
ATOM   67  O O    . THR A 1 66  ? -0.158  -7.130  14.151  1.00 42.62 ? 15  THR A O    1 
ATOM   68  C CB   . THR A 1 66  ? -1.414  -8.446  17.014  1.00 42.62 ? 15  THR A CB   1 
ATOM   69  O OG1  . THR A 1 66  ? -1.129  -9.045  18.280  1.00 42.62 ? 15  THR A OG1  1 
ATOM   70  C CG2  . THR A 1 66  ? -1.899  -9.522  16.075  1.00 42.62 ? 15  THR A CG2  1 
ATOM   71  N N    . VAL A 1 67  ? -1.131  -5.732  15.623  1.00 41.08 ? 16  VAL A N    1 
ATOM   72  C CA   . VAL A 1 67  ? -1.542  -4.813  14.574  1.00 41.08 ? 16  VAL A CA   1 
ATOM   73  C C    . VAL A 1 67  ? -0.342  -4.431  13.728  1.00 41.08 ? 16  VAL A C    1 
ATOM   74  O O    . VAL A 1 67  ? -0.377  -4.522  12.496  1.00 41.08 ? 16  VAL A O    1 
ATOM   75  C CB   . VAL A 1 67  ? -2.228  -3.582  15.193  1.00 41.08 ? 16  VAL A CB   1 
ATOM   76  C CG1  . VAL A 1 67  ? -2.723  -2.648  14.121  1.00 41.08 ? 16  VAL A CG1  1 
ATOM   77  C CG2  . VAL A 1 67  ? -3.371  -4.014  16.077  1.00 41.08 ? 16  VAL A CG2  1 
ATOM   78  N N    . LYS A 1 68  ? 0.766   -4.088  14.382  1.00 42.87 ? 17  LYS A N    1 
ATOM   79  C CA   . LYS A 1 68  ? 1.910   -3.563  13.660  1.00 42.87 ? 17  LYS A CA   1 
ATOM   80  C C    . LYS A 1 68  ? 2.463   -4.564  12.665  1.00 42.87 ? 17  LYS A C    1 
ATOM   81  O O    . LYS A 1 68  ? 3.072   -4.158  11.673  1.00 42.87 ? 17  LYS A O    1 
ATOM   82  C CB   . LYS A 1 68  ? 2.992   -3.137  14.649  1.00 42.87 ? 17  LYS A CB   1 
ATOM   83  C CG   . LYS A 1 68  ? 4.175   -2.450  14.017  1.00 42.87 ? 17  LYS A CG   1 
ATOM   84  C CD   . LYS A 1 68  ? 5.119   -1.900  15.064  1.00 42.87 ? 17  LYS A CD   1 
ATOM   85  C CE   . LYS A 1 68  ? 6.259   -1.145  14.423  1.00 42.87 ? 17  LYS A CE   1 
ATOM   86  N NZ   . LYS A 1 68  ? 7.098   -0.460  15.428  1.00 42.87 ? 17  LYS A NZ   1 
ATOM   87  N N    . ALA A 1 69  ? 2.248   -5.857  12.890  1.00 42.41 ? 18  ALA A N    1 
ATOM   88  C CA   . ALA A 1 69  ? 2.776   -6.860  11.980  1.00 42.41 ? 18  ALA A CA   1 
ATOM   89  C C    . ALA A 1 69  ? 1.749   -7.354  10.976  1.00 42.41 ? 18  ALA A C    1 
ATOM   90  O O    . ALA A 1 69  ? 2.136   -7.981  9.986   1.00 42.41 ? 18  ALA A O    1 
ATOM   91  C CB   . ALA A 1 69  ? 3.332   -8.051  12.762  1.00 42.41 ? 18  ALA A CB   1 
ATOM   92  N N    . THR A 1 70  ? 0.463   -7.093  11.199  1.00 41.96 ? 19  THR A N    1 
ATOM   93  C CA   . THR A 1 70  ? -0.532  -7.523  10.227  1.00 41.96 ? 19  THR A CA   1 
ATOM   94  C C    . THR A 1 70  ? -0.943  -6.390  9.301   1.00 41.96 ? 19  THR A C    1 
ATOM   95  O O    . THR A 1 70  ? -1.148  -6.610  8.105   1.00 41.96 ? 19  THR A O    1 
ATOM   96  C CB   . THR A 1 70  ? -1.772  -8.078  10.926  1.00 41.96 ? 19  THR A CB   1 
ATOM   97  O OG1  . THR A 1 70  ? -1.374  -8.874  12.043  1.00 41.96 ? 19  THR A OG1  1 
ATOM   98  C CG2  . THR A 1 70  ? -2.555  -8.940  9.971   1.00 41.96 ? 19  THR A CG2  1 
ATOM   99  N N    . PHE A 1 71  ? -1.059  -5.182  9.834   1.00 43.19 ? 20  PHE A N    1 
ATOM   100 C CA   . PHE A 1 71  ? -1.371  -3.985  9.061   1.00 43.19 ? 20  PHE A CA   1 
ATOM   101 C C    . PHE A 1 71  ? -0.227  -3.011  9.322   1.00 43.19 ? 20  PHE A C    1 
ATOM   102 O O    . PHE A 1 71  ? -0.323  -2.154  10.199  1.00 43.19 ? 20  PHE A O    1 
ATOM   103 C CB   . PHE A 1 71  ? -2.721  -3.382  9.461   1.00 43.19 ? 20  PHE A CB   1 
ATOM   104 C CG   . PHE A 1 71  ? -3.872  -4.348  9.441   1.00 43.19 ? 20  PHE A CG   1 
ATOM   105 C CD1  . PHE A 1 71  ? -4.450  -4.738  8.250   1.00 43.19 ? 20  PHE A CD1  1 
ATOM   106 C CD2  . PHE A 1 71  ? -4.413  -4.819  10.620  1.00 43.19 ? 20  PHE A CD2  1 
ATOM   107 C CE1  . PHE A 1 71  ? -5.519  -5.604  8.231   1.00 43.19 ? 20  PHE A CE1  1 
ATOM   108 C CE2  . PHE A 1 71  ? -5.482  -5.687  10.606  1.00 43.19 ? 20  PHE A CE2  1 
ATOM   109 C CZ   . PHE A 1 71  ? -6.036  -6.077  9.411   1.00 43.19 ? 20  PHE A CZ   1 
ATOM   110 N N    . GLY A 1 72  ? 0.853   -3.136  8.563   1.00 43.97 ? 21  GLY A N    1 
ATOM   111 C CA   . GLY A 1 72  ? 2.018   -2.322  8.843   1.00 43.97 ? 21  GLY A CA   1 
ATOM   112 C C    . GLY A 1 72  ? 2.860   -2.023  7.626   1.00 43.97 ? 21  GLY A C    1 
ATOM   113 O O    . GLY A 1 72  ? 2.426   -2.243  6.495   1.00 43.97 ? 21  GLY A O    1 
ATOM   114 N N    . LYS A 1 73  ? 4.069   -1.510  7.842   1.00 44.25 ? 22  LYS A N    1 
ATOM   115 C CA   . LYS A 1 73  ? 4.952   -1.220  6.720   1.00 44.25 ? 22  LYS A CA   1 
ATOM   116 C C    . LYS A 1 73  ? 5.485   -2.499  6.087   1.00 44.25 ? 22  LYS A C    1 
ATOM   117 O O    . LYS A 1 73  ? 5.527   -2.625  4.859   1.00 44.25 ? 22  LYS A O    1 
ATOM   118 C CB   . LYS A 1 73  ? 6.096   -0.324  7.181   1.00 44.25 ? 22  LYS A CB   1 
ATOM   119 C CG   . LYS A 1 73  ? 7.094   -0.025  6.101   1.00 44.25 ? 22  LYS A CG   1 
ATOM   120 C CD   . LYS A 1 73  ? 6.473   0.772   4.991   1.00 44.25 ? 22  LYS A CD   1 
ATOM   121 C CE   . LYS A 1 73  ? 7.491   1.038   3.909   1.00 44.25 ? 22  LYS A CE   1 
ATOM   122 N NZ   . LYS A 1 73  ? 8.593   1.895   4.425   1.00 44.25 ? 22  LYS A NZ   1 
ATOM   123 N N    . ASP A 1 74  ? 5.905   -3.459  6.908   1.00 44.39 ? 23  ASP A N    1 
ATOM   124 C CA   . ASP A 1 74  ? 6.392   -4.751  6.429   1.00 44.39 ? 23  ASP A CA   1 
ATOM   125 C C    . ASP A 1 74  ? 5.290   -5.791  6.611   1.00 44.39 ? 23  ASP A C    1 
ATOM   126 O O    . ASP A 1 74  ? 5.298   -6.581  7.552   1.00 44.39 ? 23  ASP A O    1 
ATOM   127 C CB   . ASP A 1 74  ? 7.655   -5.157  7.179   1.00 44.39 ? 23  ASP A CB   1 
ATOM   128 C CG   . ASP A 1 74  ? 8.696   -4.071  7.199   1.00 44.39 ? 23  ASP A CG   1 
ATOM   129 O OD1  . ASP A 1 74  ? 8.832   -3.357  6.190   1.00 44.39 ? 23  ASP A OD1  1 
ATOM   130 O OD2  . ASP A 1 74  ? 9.376   -3.923  8.230   1.00 44.39 ? 23  ASP A OD2  1 
ATOM   131 N N    . SER A 1 75  ? 4.324   -5.790  5.700   1.00 42.13 ? 24  SER A N    1 
ATOM   132 C CA   . SER A 1 75  ? 3.219   -6.733  5.801   1.00 42.13 ? 24  SER A CA   1 
ATOM   133 C C    . SER A 1 75  ? 2.795   -7.190  4.414   1.00 42.13 ? 24  SER A C    1 
ATOM   134 O O    . SER A 1 75  ? 3.119   -6.568  3.404   1.00 42.13 ? 24  SER A O    1 
ATOM   135 C CB   . SER A 1 75  ? 2.024   -6.134  6.553   1.00 42.13 ? 24  SER A CB   1 
ATOM   136 O OG   . SER A 1 75  ? 1.741   -4.825  6.110   1.00 42.13 ? 24  SER A OG   1 
ATOM   137 N N    . SER A 1 76  ? 2.054   -8.298  4.389   1.00 38.97 ? 25  SER A N    1 
ATOM   138 C CA   . SER A 1 76  ? 1.676   -8.921  3.125   1.00 38.97 ? 25  SER A CA   1 
ATOM   139 C C    . SER A 1 76  ? 0.558   -8.152  2.429   1.00 38.97 ? 25  SER A C    1 
ATOM   140 O O    . SER A 1 76  ? 0.495   -8.113  1.194   1.00 38.97 ? 25  SER A O    1 
ATOM   141 C CB   . SER A 1 76  ? 1.251   -10.363 3.378   1.00 38.97 ? 25  SER A CB   1 
ATOM   142 O OG   . SER A 1 76  ? 2.312   -11.103 3.942   1.00 38.97 ? 25  SER A OG   1 
ATOM   143 N N    . VAL A 1 77  ? -0.328  -7.532  3.207   1.00 39.07 ? 26  VAL A N    1 
ATOM   144 C CA   . VAL A 1 77  ? -1.464  -6.813  2.637   1.00 39.07 ? 26  VAL A CA   1 
ATOM   145 C C    . VAL A 1 77  ? -0.985  -5.709  1.705   1.00 39.07 ? 26  VAL A C    1 
ATOM   146 O O    . VAL A 1 77  ? -1.541  -5.503  0.616   1.00 39.07 ? 26  VAL A O    1 
ATOM   147 C CB   . VAL A 1 77  ? -2.344  -6.258  3.770   1.00 39.07 ? 26  VAL A CB   1 
ATOM   148 C CG1  . VAL A 1 77  ? -3.577  -5.599  3.213   1.00 39.07 ? 26  VAL A CG1  1 
ATOM   149 C CG2  . VAL A 1 77  ? -2.713  -7.360  4.728   1.00 39.07 ? 26  VAL A CG2  1 
ATOM   150 N N    . VAL A 1 78  ? 0.053   -4.984  2.116   1.00 37.71 ? 27  VAL A N    1 
ATOM   151 C CA   . VAL A 1 78  ? 0.562   -3.873  1.325   1.00 37.71 ? 27  VAL A CA   1 
ATOM   152 C C    . VAL A 1 78  ? 1.114   -4.363  -0.006  1.00 37.71 ? 27  VAL A C    1 
ATOM   153 O O    . VAL A 1 78  ? 0.881   -3.750  -1.061  1.00 37.71 ? 27  VAL A O    1 
ATOM   154 C CB   . VAL A 1 78  ? 1.616   -3.113  2.148   1.00 37.71 ? 27  VAL A CB   1 
ATOM   155 C CG1  . VAL A 1 78  ? 2.160   -1.945  1.373   1.00 37.71 ? 27  VAL A CG1  1 
ATOM   156 C CG2  . VAL A 1 78  ? 1.011   -2.644  3.459   1.00 37.71 ? 27  VAL A CG2  1 
ATOM   157 N N    . LYS A 1 79  ? 1.829   -5.484  0.012   1.00 37.91 ? 28  LYS A N    1 
ATOM   158 C CA   . LYS A 1 79  ? 2.354   -6.030  -1.229  1.00 37.91 ? 28  LYS A CA   1 
ATOM   159 C C    . LYS A 1 79  ? 1.235   -6.502  -2.144  1.00 37.91 ? 28  LYS A C    1 
ATOM   160 O O    . LYS A 1 79  ? 1.330   -6.342  -3.365  1.00 37.91 ? 28  LYS A O    1 
ATOM   161 C CB   . LYS A 1 79  ? 3.334   -7.153  -0.917  1.00 37.91 ? 28  LYS A CB   1 
ATOM   162 C CG   . LYS A 1 79  ? 4.435   -6.703  0.014   1.00 37.91 ? 28  LYS A CG   1 
ATOM   163 C CD   . LYS A 1 79  ? 5.348   -7.825  0.424   1.00 37.91 ? 28  LYS A CD   1 
ATOM   164 C CE   . LYS A 1 79  ? 6.389   -7.328  1.395   1.00 37.91 ? 28  LYS A CE   1 
ATOM   165 N NZ   . LYS A 1 79  ? 7.218   -8.432  1.912   1.00 37.91 ? 28  LYS A NZ   1 
ATOM   166 N N    . TRP A 1 80  ? 0.158   -7.052  -1.581  1.00 36.97 ? 29  TRP A N    1 
ATOM   167 C CA   . TRP A 1 80  ? -0.964  -7.450  -2.425  1.00 36.97 ? 29  TRP A CA   1 
ATOM   168 C C    . TRP A 1 80  ? -1.646  -6.238  -3.063  1.00 36.97 ? 29  TRP A C    1 
ATOM   169 O O    . TRP A 1 80  ? -2.056  -6.300  -4.229  1.00 36.97 ? 29  TRP A O    1 
ATOM   170 C CB   . TRP A 1 80  ? -1.958  -8.288  -1.620  1.00 36.97 ? 29  TRP A CB   1 
ATOM   171 C CG   . TRP A 1 80  ? -1.370  -9.571  -1.098  1.00 36.97 ? 29  TRP A CG   1 
ATOM   172 C CD1  . TRP A 1 80  ? -0.163  -10.099 -1.418  1.00 36.97 ? 29  TRP A CD1  1 
ATOM   173 C CD2  . TRP A 1 80  ? -1.958  -10.472 -0.149  1.00 36.97 ? 29  TRP A CD2  1 
ATOM   174 N NE1  . TRP A 1 80  ? 0.042   -11.267 -0.738  1.00 36.97 ? 29  TRP A NE1  1 
ATOM   175 C CE2  . TRP A 1 80  ? -1.047  -11.520 0.049   1.00 36.97 ? 29  TRP A CE2  1 
ATOM   176 C CE3  . TRP A 1 80  ? -3.161  -10.493 0.553   1.00 36.97 ? 29  TRP A CE3  1 
ATOM   177 C CZ2  . TRP A 1 80  ? -1.304  -12.579 0.912   1.00 36.97 ? 29  TRP A CZ2  1 
ATOM   178 C CZ3  . TRP A 1 80  ? -3.411  -11.544 1.411   1.00 36.97 ? 29  TRP A CZ3  1 
ATOM   179 C CH2  . TRP A 1 80  ? -2.489  -12.572 1.582   1.00 36.97 ? 29  TRP A CH2  1 
ATOM   180 N N    . VAL A 1 81  ? -1.742  -5.124  -2.336  1.00 35.57 ? 30  VAL A N    1 
ATOM   181 C CA   . VAL A 1 81  ? -2.310  -3.910  -2.923  1.00 35.57 ? 30  VAL A CA   1 
ATOM   182 C C    . VAL A 1 81  ? -1.451  -3.419  -4.091  1.00 35.57 ? 30  VAL A C    1 
ATOM   183 O O    . VAL A 1 81  ? -1.967  -3.067  -5.164  1.00 35.57 ? 30  VAL A O    1 
ATOM   184 C CB   . VAL A 1 81  ? -2.478  -2.822  -1.845  1.00 35.57 ? 30  VAL A CB   1 
ATOM   185 C CG1  . VAL A 1 81  ? -3.030  -1.553  -2.453  1.00 35.57 ? 30  VAL A CG1  1 
ATOM   186 C CG2  . VAL A 1 81  ? -3.389  -3.301  -0.738  1.00 35.57 ? 30  VAL A CG2  1 
ATOM   187 N N    . VAL A 1 82  ? -0.130  -3.407  -3.916  1.00 33.25 ? 31  VAL A N    1 
ATOM   188 C CA   . VAL A 1 82  ? 0.716   -2.913  -5.002  1.00 33.25 ? 31  VAL A CA   1 
ATOM   189 C C    . VAL A 1 82  ? 0.676   -3.857  -6.210  1.00 33.25 ? 31  VAL A C    1 
ATOM   190 O O    . VAL A 1 82  ? 0.696   -3.408  -7.372  1.00 33.25 ? 31  VAL A O    1 
ATOM   191 C CB   . VAL A 1 82  ? 2.147   -2.685  -4.483  1.00 33.25 ? 31  VAL A CB   1 
ATOM   192 C CG1  . VAL A 1 82  ? 3.002   -2.043  -5.549  1.00 33.25 ? 31  VAL A CG1  1 
ATOM   193 C CG2  . VAL A 1 82  ? 2.121   -1.817  -3.246  1.00 33.25 ? 31  VAL A CG2  1 
ATOM   194 N N    . LEU A 1 83  ? 0.591   -5.166  -5.966  1.00 35.10 ? 32  LEU A N    1 
ATOM   195 C CA   . LEU A 1 83  ? 0.490   -6.126  -7.062  1.00 35.10 ? 32  LEU A CA   1 
ATOM   196 C C    . LEU A 1 83  ? -0.799  -5.925  -7.853  1.00 35.10 ? 32  LEU A C    1 
ATOM   197 O O    . LEU A 1 83  ? -0.802  -5.966  -9.098  1.00 35.10 ? 32  LEU A O    1 
ATOM   198 C CB   . LEU A 1 83  ? 0.566   -7.543  -6.497  1.00 35.10 ? 32  LEU A CB   1 
ATOM   199 C CG   . LEU A 1 83  ? 0.771   -8.734  -7.428  1.00 35.10 ? 32  LEU A CG   1 
ATOM   200 C CD1  . LEU A 1 83  ? 1.364   -9.888  -6.660  1.00 35.10 ? 32  LEU A CD1  1 
ATOM   201 C CD2  . LEU A 1 83  ? -0.528  -9.149  -8.069  1.00 35.10 ? 32  LEU A CD2  1 
ATOM   202 N N    . ALA A 1 84  ? -1.904  -5.702  -7.141  1.00 34.17 ? 33  ALA A N    1 
ATOM   203 C CA   . ALA A 1 84  ? -3.163  -5.415  -7.813  1.00 34.17 ? 33  ALA A CA   1 
ATOM   204 C C    . ALA A 1 84  ? -3.040  -4.178  -8.688  1.00 34.17 ? 33  ALA A C    1 
ATOM   205 O O    . ALA A 1 84  ? -3.573  -4.142  -9.804  1.00 34.17 ? 33  ALA A O    1 
ATOM   206 C CB   . ALA A 1 84  ? -4.273  -5.240  -6.784  1.00 34.17 ? 33  ALA A CB   1 
ATOM   207 N N    . GLU A 1 85  ? -2.352  -3.150  -8.193  1.00 34.20 ? 34  GLU A N    1 
ATOM   208 C CA   . GLU A 1 85  ? -2.169  -1.956  -9.008  1.00 34.20 ? 34  GLU A CA   1 
ATOM   209 C C    . GLU A 1 85  ? -1.456  -2.280  -10.318 1.00 34.20 ? 34  GLU A C    1 
ATOM   210 O O    . GLU A 1 85  ? -1.890  -1.849  -11.395 1.00 34.20 ? 34  GLU A O    1 
ATOM   211 C CB   . GLU A 1 85  ? -1.410  -0.894  -8.220  1.00 34.20 ? 34  GLU A CB   1 
ATOM   212 C CG   . GLU A 1 85  ? -0.872  0.209   -9.082  1.00 34.20 ? 34  GLU A CG   1 
ATOM   213 C CD   . GLU A 1 85  ? -1.933  0.822   -9.960  1.00 34.20 ? 34  GLU A CD   1 
ATOM   214 O OE1  . GLU A 1 85  ? -3.125  0.682   -9.630  1.00 34.20 ? 34  GLU A OE1  1 
ATOM   215 O OE2  . GLU A 1 85  ? -1.580  1.441   -10.983 1.00 34.20 ? 34  GLU A OE2  1 
ATOM   216 N N    . VAL A 1 86  ? -0.366  -3.046  -10.251 1.00 32.89 ? 35  VAL A N    1 
ATOM   217 C CA   . VAL A 1 86  ? 0.358   -3.387  -11.480 1.00 32.89 ? 35  VAL A CA   1 
ATOM   218 C C    . VAL A 1 86  ? -0.577  -4.052  -12.488 1.00 32.89 ? 35  VAL A C    1 
ATOM   219 O O    . VAL A 1 86  ? -0.625  -3.682  -13.673 1.00 32.89 ? 35  VAL A O    1 
ATOM   220 C CB   . VAL A 1 86  ? 1.566   -4.288  -11.167 1.00 32.89 ? 35  VAL A CB   1 
ATOM   221 C CG1  . VAL A 1 86  ? 2.286   -4.659  -12.446 1.00 32.89 ? 35  VAL A CG1  1 
ATOM   222 C CG2  . VAL A 1 86  ? 2.502   -3.610  -10.201 1.00 32.89 ? 35  VAL A CG2  1 
ATOM   223 N N    . LEU A 1 87  ? -1.333  -5.050  -12.032 1.00 34.94 ? 36  LEU A N    1 
ATOM   224 C CA   . LEU A 1 87  ? -2.150  -5.817  -12.971 1.00 34.94 ? 36  LEU A CA   1 
ATOM   225 C C    . LEU A 1 87  ? -3.277  -4.972  -13.568 1.00 34.94 ? 36  LEU A C    1 
ATOM   226 O O    . LEU A 1 87  ? -3.553  -5.047  -14.778 1.00 34.94 ? 36  LEU A O    1 
ATOM   227 C CB   . LEU A 1 87  ? -2.693  -7.059  -12.273 1.00 34.94 ? 36  LEU A CB   1 
ATOM   228 C CG   . LEU A 1 87  ? -1.606  -8.085  -11.961 1.00 34.94 ? 36  LEU A CG   1 
ATOM   229 C CD1  . LEU A 1 87  ? -2.136  -9.234  -11.147 1.00 34.94 ? 36  LEU A CD1  1 
ATOM   230 C CD2  . LEU A 1 87  ? -1.034  -8.595  -13.255 1.00 34.94 ? 36  LEU A CD2  1 
ATOM   231 N N    . VAL A 1 88  ? -3.935  -4.160  -12.740 1.00 34.33 ? 37  VAL A N    1 
ATOM   232 C CA   . VAL A 1 88  ? -4.993  -3.292  -13.244 1.00 34.33 ? 37  VAL A CA   1 
ATOM   233 C C    . VAL A 1 88  ? -4.444  -2.331  -14.286 1.00 34.33 ? 37  VAL A C    1 
ATOM   234 O O    . VAL A 1 88  ? -5.070  -2.108  -15.331 1.00 34.33 ? 37  VAL A O    1 
ATOM   235 C CB   . VAL A 1 88  ? -5.655  -2.532  -12.080 1.00 34.33 ? 37  VAL A CB   1 
ATOM   236 C CG1  . VAL A 1 88  ? -6.735  -1.612  -12.593 1.00 34.33 ? 37  VAL A CG1  1 
ATOM   237 C CG2  . VAL A 1 88  ? -6.218  -3.495  -11.064 1.00 34.33 ? 37  VAL A CG2  1 
ATOM   238 N N    . GLY A 1 89  ? -3.266  -1.762  -14.029 1.00 36.50 ? 38  GLY A N    1 
ATOM   239 C CA   . GLY A 1 89  ? -2.681  -0.840  -14.984 1.00 36.50 ? 38  GLY A CA   1 
ATOM   240 C C    . GLY A 1 89  ? -2.389  -1.491  -16.320 1.00 36.50 ? 38  GLY A C    1 
ATOM   241 O O    . GLY A 1 89  ? -2.672  -0.916  -17.374 1.00 36.50 ? 38  GLY A O    1 
ATOM   242 N N    . ALA A 1 90  ? -1.813  -2.693  -16.299 1.00 36.08 ? 39  ALA A N    1 
ATOM   243 C CA   . ALA A 1 90  ? -1.514  -3.356  -17.566 1.00 36.08 ? 39  ALA A CA   1 
ATOM   244 C C    . ALA A 1 90  ? -2.788  -3.640  -18.358 1.00 36.08 ? 39  ALA A C    1 
ATOM   245 O O    . ALA A 1 90  ? -2.853  -3.374  -19.571 1.00 36.08 ? 39  ALA A O    1 
ATOM   246 C CB   . ALA A 1 90  ? -0.726  -4.640  -17.316 1.00 36.08 ? 39  ALA A CB   1 
ATOM   247 N N    . VAL A 1 91  ? -3.820  -4.159  -17.687 1.00 38.17 ? 40  VAL A N    1 
ATOM   248 C CA   . VAL A 1 91  ? -5.040  -4.493  -18.412 1.00 38.17 ? 40  VAL A CA   1 
ATOM   249 C C    . VAL A 1 91  ? -5.699  -3.243  -18.980 1.00 38.17 ? 40  VAL A C    1 
ATOM   250 O O    . VAL A 1 91  ? -6.225  -3.267  -20.096 1.00 38.17 ? 40  VAL A O    1 
ATOM   251 C CB   . VAL A 1 91  ? -6.016  -5.275  -17.517 1.00 38.17 ? 40  VAL A CB   1 
ATOM   252 C CG1  . VAL A 1 91  ? -7.206  -5.728  -18.325 1.00 38.17 ? 40  VAL A CG1  1 
ATOM   253 C CG2  . VAL A 1 91  ? -5.325  -6.455  -16.893 1.00 38.17 ? 40  VAL A CG2  1 
ATOM   254 N N    . MET A 1 92  ? -5.682  -2.133  -18.245 1.00 40.17 ? 41  MET A N    1 
ATOM   255 C CA   . MET A 1 92  ? -6.274  -0.912  -18.777 1.00 40.17 ? 41  MET A CA   1 
ATOM   256 C C    . MET A 1 92  ? -5.467  -0.325  -19.929 1.00 40.17 ? 41  MET A C    1 
ATOM   257 O O    . MET A 1 92  ? -6.054  0.183   -20.896 1.00 40.17 ? 41  MET A O    1 
ATOM   258 C CB   . MET A 1 92  ? -6.433  0.125   -17.667 1.00 40.17 ? 41  MET A CB   1 
ATOM   259 C CG   . MET A 1 92  ? -7.610  -0.105  -16.744 1.00 40.17 ? 41  MET A CG   1 
ATOM   260 S SD   . MET A 1 92  ? -9.169  0.176   -17.590 1.00 40.17 ? 41  MET A SD   1 
ATOM   261 C CE   . MET A 1 92  ? -9.659  -1.497  -17.943 1.00 40.17 ? 41  MET A CE   1 
ATOM   262 N N    . TYR A 1 93  ? -4.136  -0.381  -19.850 1.00 40.32 ? 42  TYR A N    1 
ATOM   263 C CA   . TYR A 1 93  ? -3.327  0.170   -20.929 1.00 40.32 ? 42  TYR A CA   1 
ATOM   264 C C    . TYR A 1 93  ? -3.570  -0.593  -22.219 1.00 40.32 ? 42  TYR A C    1 
ATOM   265 O O    . TYR A 1 93  ? -3.631  0.006   -23.297 1.00 40.32 ? 42  TYR A O    1 
ATOM   266 C CB   . TYR A 1 93  ? -1.844  0.150   -20.558 1.00 40.32 ? 42  TYR A CB   1 
ATOM   267 C CG   . TYR A 1 93  ? -0.927  0.465   -21.721 1.00 40.32 ? 42  TYR A CG   1 
ATOM   268 C CD1  . TYR A 1 93  ? -0.732  1.768   -22.143 1.00 40.32 ? 42  TYR A CD1  1 
ATOM   269 C CD2  . TYR A 1 93  ? -0.264  -0.542  -22.399 1.00 40.32 ? 42  TYR A CD2  1 
ATOM   270 C CE1  . TYR A 1 93  ? 0.095   2.054   -23.203 1.00 40.32 ? 42  TYR A CE1  1 
ATOM   271 C CE2  . TYR A 1 93  ? 0.560   -0.262  -23.462 1.00 40.32 ? 42  TYR A CE2  1 
ATOM   272 C CZ   . TYR A 1 93  ? 0.735   1.037   -23.860 1.00 40.32 ? 42  TYR A CZ   1 
ATOM   273 O OH   . TYR A 1 93  ? 1.554   1.322   -24.920 1.00 40.32 ? 42  TYR A OH   1 
ATOM   274 N N    . MET A 1 94  ? -3.735  -1.912  -22.124 1.00 43.31 ? 43  MET A N    1 
ATOM   275 C CA   . MET A 1 94  ? -3.999  -2.693  -23.328 1.00 43.31 ? 43  MET A CA   1 
ATOM   276 C C    . MET A 1 94  ? -5.280  -2.256  -24.033 1.00 43.31 ? 43  MET A C    1 
ATOM   277 O O    . MET A 1 94  ? -5.352  -2.293  -25.265 1.00 43.31 ? 43  MET A O    1 
ATOM   278 C CB   . MET A 1 94  ? -4.064  -4.180  -22.982 1.00 43.31 ? 43  MET A CB   1 
ATOM   279 C CG   . MET A 1 94  ? -4.360  -5.072  -24.156 1.00 43.31 ? 43  MET A CG   1 
ATOM   280 S SD   . MET A 1 94  ? -6.076  -5.582  -24.258 1.00 43.31 ? 43  MET A SD   1 
ATOM   281 C CE   . MET A 1 94  ? -6.193  -6.584  -22.792 1.00 43.31 ? 43  MET A CE   1 
ATOM   282 N N    . MET A 1 95  ? -6.291  -1.828  -23.285 1.00 44.65 ? 44  MET A N    1 
ATOM   283 C CA   . MET A 1 95  ? -7.581  -1.512  -23.886 1.00 44.65 ? 44  MET A CA   1 
ATOM   284 C C    . MET A 1 95  ? -7.701  -0.060  -24.323 1.00 44.65 ? 44  MET A C    1 
ATOM   285 O O    . MET A 1 95  ? -8.414  0.223   -25.291 1.00 44.65 ? 44  MET A O    1 
ATOM   286 C CB   . MET A 1 95  ? -8.712  -1.850  -22.910 1.00 44.65 ? 44  MET A CB   1 
ATOM   287 C CG   . MET A 1 95  ? -8.710  -3.293  -22.459 1.00 44.65 ? 44  MET A CG   1 
ATOM   288 S SD   . MET A 1 95  ? -10.010 -3.757  -21.303 1.00 44.65 ? 44  MET A SD   1 
ATOM   289 C CE   . MET A 1 95  ? -11.451 -3.668  -22.342 1.00 44.65 ? 44  MET A CE   1 
ATOM   290 N N    . THR A 1 96  ? -7.026  0.873   -23.653 1.00 44.74 ? 45  THR A N    1 
ATOM   291 C CA   . THR A 1 96  ? -7.177  2.277   -24.016 1.00 44.74 ? 45  THR A CA   1 
ATOM   292 C C    . THR A 1 96  ? -5.965  2.899   -24.696 1.00 44.74 ? 45  THR A C    1 
ATOM   293 O O    . THR A 1 96  ? -6.138  3.807   -25.506 1.00 44.74 ? 45  THR A O    1 
ATOM   294 C CB   . THR A 1 96  ? -7.531  3.115   -22.785 1.00 44.74 ? 45  THR A CB   1 
ATOM   295 O OG1  . THR A 1 96  ? -6.752  2.680   -21.669 1.00 44.74 ? 45  THR A OG1  1 
ATOM   296 C CG2  . THR A 1 96  ? -8.989  2.965   -22.456 1.00 44.74 ? 45  THR A CG2  1 
ATOM   297 N N    . LYS A 1 97  ? -4.752  2.445   -24.402 1.00 44.33 ? 46  LYS A N    1 
ATOM   298 C CA   . LYS A 1 97  ? -3.542  3.028   -24.985 1.00 44.33 ? 46  LYS A CA   1 
ATOM   299 C C    . LYS A 1 97  ? -3.317  4.451   -24.472 1.00 44.33 ? 46  LYS A C    1 
ATOM   300 O O    . LYS A 1 97  ? -3.028  5.372   -25.233 1.00 44.33 ? 46  LYS A O    1 
ATOM   301 C CB   . LYS A 1 97  ? -3.606  3.004   -26.512 1.00 44.33 ? 46  LYS A CB   1 
ATOM   302 C CG   . LYS A 1 97  ? -3.519  1.628   -27.148 1.00 44.33 ? 46  LYS A CG   1 
ATOM   303 C CD   . LYS A 1 97  ? -2.102  1.118   -27.207 1.00 44.33 ? 46  LYS A CD   1 
ATOM   304 C CE   . LYS A 1 97  ? -1.979  -0.086  -28.126 1.00 44.33 ? 46  LYS A CE   1 
ATOM   305 N NZ   . LYS A 1 97  ? -2.791  -1.237  -27.682 1.00 44.33 ? 46  LYS A NZ   1 
ATOM   306 N N    . ASN A 1 98  ? -3.449  4.624   -23.163 1.00 39.90 ? 47  ASN A N    1 
ATOM   307 C CA   . ASN A 1 98  ? -3.322  5.917   -22.504 1.00 39.90 ? 47  ASN A CA   1 
ATOM   308 C C    . ASN A 1 98  ? -2.189  5.828   -21.491 1.00 39.90 ? 47  ASN A C    1 
ATOM   309 O O    . ASN A 1 98  ? -2.154  4.899   -20.681 1.00 39.90 ? 47  ASN A O    1 
ATOM   310 C CB   . ASN A 1 98  ? -4.638  6.294   -21.823 1.00 39.90 ? 47  ASN A CB   1 
ATOM   311 C CG   . ASN A 1 98  ? -4.822  7.779   -21.676 1.00 39.90 ? 47  ASN A CG   1 
ATOM   312 O OD1  . ASN A 1 98  ? -3.862  8.525   -21.532 1.00 39.90 ? 47  ASN A OD1  1 
ATOM   313 N ND2  . ASN A 1 98  ? -6.067  8.220   -21.709 1.00 39.90 ? 47  ASN A ND2  1 
ATOM   314 N N    . VAL A 1 99  ? -1.268  6.793   -21.530 1.00 36.79 ? 48  VAL A N    1 
ATOM   315 C CA   . VAL A 1 99  ? -0.013  6.663   -20.789 1.00 36.79 ? 48  VAL A CA   1 
ATOM   316 C C    . VAL A 1 99  ? -0.163  6.900   -19.296 1.00 36.79 ? 48  VAL A C    1 
ATOM   317 O O    . VAL A 1 99  ? 0.704   6.474   -18.524 1.00 36.79 ? 48  VAL A O    1 
ATOM   318 C CB   . VAL A 1 99  ? 1.053   7.624   -21.347 1.00 36.79 ? 48  VAL A CB   1 
ATOM   319 C CG1  . VAL A 1 99  ? 2.392   7.348   -20.714 1.00 36.79 ? 48  VAL A CG1  1 
ATOM   320 C CG2  . VAL A 1 99  ? 1.154   7.502   -22.851 1.00 36.79 ? 48  VAL A CG2  1 
ATOM   321 N N    . LYS A 1 100 ? -1.241  7.551   -18.864 1.00 37.36 ? 49  LYS A N    1 
ATOM   322 C CA   . LYS A 1 100 ? -1.463  7.800   -17.445 1.00 37.36 ? 49  LYS A CA   1 
ATOM   323 C C    . LYS A 1 100 ? -1.458  6.523   -16.616 1.00 37.36 ? 49  LYS A C    1 
ATOM   324 O O    . LYS A 1 100 ? -1.241  6.589   -15.403 1.00 37.36 ? 49  LYS A O    1 
ATOM   325 C CB   . LYS A 1 100 ? -2.780  8.555   -17.264 1.00 37.36 ? 49  LYS A CB   1 
ATOM   326 C CG   . LYS A 1 100 ? -3.959  7.827   -17.850 1.00 37.36 ? 49  LYS A CG   1 
ATOM   327 C CD   . LYS A 1 100 ? -5.235  8.647   -17.864 1.00 37.36 ? 49  LYS A CD   1 
ATOM   328 C CE   . LYS A 1 100 ? -5.907  8.692   -16.523 1.00 37.36 ? 49  LYS A CE   1 
ATOM   329 N NZ   . LYS A 1 100 ? -7.246  9.312   -16.661 1.00 37.36 ? 49  LYS A NZ   1 
ATOM   330 N N    . PHE A 1 101 ? -1.678  5.367   -17.233 1.00 36.51 ? 50  PHE A N    1 
ATOM   331 C CA   . PHE A 1 101 ? -1.712  4.118   -16.490 1.00 36.51 ? 50  PHE A CA   1 
ATOM   332 C C    . PHE A 1 101 ? -0.331  3.525   -16.244 1.00 36.51 ? 50  PHE A C    1 
ATOM   333 O O    . PHE A 1 101 ? -0.225  2.556   -15.492 1.00 36.51 ? 50  PHE A O    1 
ATOM   334 C CB   . PHE A 1 101 ? -2.586  3.095   -17.217 1.00 36.51 ? 50  PHE A CB   1 
ATOM   335 C CG   . PHE A 1 101 ? -4.018  3.524   -17.388 1.00 36.51 ? 50  PHE A CG   1 
ATOM   336 C CD1  . PHE A 1 101 ? -4.835  3.706   -16.291 1.00 36.51 ? 50  PHE A CD1  1 
ATOM   337 C CD2  . PHE A 1 101 ? -4.555  3.711   -18.644 1.00 36.51 ? 50  PHE A CD2  1 
ATOM   338 C CE1  . PHE A 1 101 ? -6.145  4.090   -16.445 1.00 36.51 ? 50  PHE A CE1  1 
ATOM   339 C CE2  . PHE A 1 101 ? -5.866  4.092   -18.800 1.00 36.51 ? 50  PHE A CE2  1 
ATOM   340 C CZ   . PHE A 1 101 ? -6.660  4.282   -17.700 1.00 36.51 ? 50  PHE A CZ   1 
ATOM   341 N N    . LEU A 1 102 ? 0.720   4.074   -16.844 1.00 35.65 ? 51  LEU A N    1 
ATOM   342 C CA   . LEU A 1 102 ? 2.063   3.537   -16.672 1.00 35.65 ? 51  LEU A CA   1 
ATOM   343 C C    . LEU A 1 102 ? 2.772   4.083   -15.440 1.00 35.65 ? 51  LEU A C    1 
ATOM   344 O O    . LEU A 1 102 ? 3.861   3.610   -15.113 1.00 35.65 ? 51  LEU A O    1 
ATOM   345 C CB   . LEU A 1 102 ? 2.913   3.818   -17.914 1.00 35.65 ? 51  LEU A CB   1 
ATOM   346 C CG   . LEU A 1 102 ? 2.528   3.114   -19.216 1.00 35.65 ? 51  LEU A CG   1 
ATOM   347 C CD1  . LEU A 1 102 ? 3.490   3.465   -20.316 1.00 35.65 ? 51  LEU A CD1  1 
ATOM   348 C CD2  . LEU A 1 102 ? 2.477   1.626   -19.032 1.00 35.65 ? 51  LEU A CD2  1 
ATOM   349 N N    . ALA A 1 103 ? 2.181   5.045   -14.742 1.00 34.85 ? 52  ALA A N    1 
ATOM   350 C CA   . ALA A 1 103 ? 2.788   5.630   -13.557 1.00 34.85 ? 52  ALA A CA   1 
ATOM   351 C C    . ALA A 1 103 ? 2.185   5.102   -12.265 1.00 34.85 ? 52  ALA A C    1 
ATOM   352 O O    . ALA A 1 103 ? 2.705   5.396   -11.182 1.00 34.85 ? 52  ALA A O    1 
ATOM   353 C CB   . ALA A 1 103 ? 2.653   7.154   -13.606 1.00 34.85 ? 52  ALA A CB   1 
ATOM   354 N N    . GLY A 1 104 ? 1.144   4.277   -12.365 1.00 33.98 ? 53  GLY A N    1 
ATOM   355 C CA   . GLY A 1 104 ? 0.334   3.956   -11.203 1.00 33.98 ? 53  GLY A CA   1 
ATOM   356 C C    . GLY A 1 104 ? 1.139   3.460   -10.021 1.00 33.98 ? 53  GLY A C    1 
ATOM   357 O O    . GLY A 1 104 ? 0.975   3.945   -8.900  1.00 33.98 ? 53  GLY A O    1 
ATOM   358 N N    . PHE A 1 105 ? 2.010   2.477   -10.244 1.00 34.42 ? 54  PHE A N    1 
ATOM   359 C CA   . PHE A 1 105 ? 2.652   1.844   -9.100  1.00 34.42 ? 54  PHE A CA   1 
ATOM   360 C C    . PHE A 1 105 ? 3.621   2.788   -8.407  1.00 34.42 ? 54  PHE A C    1 
ATOM   361 O O    . PHE A 1 105 ? 3.862   2.650   -7.205  1.00 34.42 ? 54  PHE A O    1 
ATOM   362 C CB   . PHE A 1 105 ? 3.329   0.529   -9.505  1.00 34.42 ? 54  PHE A CB   1 
ATOM   363 C CG   . PHE A 1 105 ? 4.500   0.675   -10.429 1.00 34.42 ? 54  PHE A CG   1 
ATOM   364 C CD1  . PHE A 1 105 ? 5.777   0.804   -9.931  1.00 34.42 ? 54  PHE A CD1  1 
ATOM   365 C CD2  . PHE A 1 105 ? 4.332   0.619   -11.795 1.00 34.42 ? 54  PHE A CD2  1 
ATOM   366 C CE1  . PHE A 1 105 ? 6.850   0.918   -10.775 1.00 34.42 ? 54  PHE A CE1  1 
ATOM   367 C CE2  . PHE A 1 105 ? 5.411   0.732   -12.642 1.00 34.42 ? 54  PHE A CE2  1 
ATOM   368 C CZ   . PHE A 1 105 ? 6.666   0.881   -12.129 1.00 34.42 ? 54  PHE A CZ   1 
ATOM   369 N N    . ALA A 1 106 ? 4.147   3.784   -9.120  1.00 34.44 ? 55  ALA A N    1 
ATOM   370 C CA   . ALA A 1 106 ? 5.094   4.686   -8.478  1.00 34.44 ? 55  ALA A CA   1 
ATOM   371 C C    . ALA A 1 106 ? 4.395   5.578   -7.459  1.00 34.44 ? 55  ALA A C    1 
ATOM   372 O O    . ALA A 1 106 ? 4.786   5.618   -6.287  1.00 34.44 ? 55  ALA A O    1 
ATOM   373 C CB   . ALA A 1 106 ? 5.823   5.519   -9.529  1.00 34.44 ? 55  ALA A CB   1 
ATOM   374 N N    . ILE A 1 107 ? 3.332   6.265   -7.874  1.00 33.55 ? 56  ILE A N    1 
ATOM   375 C CA   . ILE A 1 107 ? 2.679   7.232   -6.999  1.00 33.55 ? 56  ILE A CA   1 
ATOM   376 C C    . ILE A 1 107 ? 2.147   6.556   -5.741  1.00 33.55 ? 56  ILE A C    1 
ATOM   377 O O    . ILE A 1 107 ? 2.166   7.141   -4.653  1.00 33.55 ? 56  ILE A O    1 
ATOM   378 C CB   . ILE A 1 107 ? 1.573   7.970   -7.768  1.00 33.55 ? 56  ILE A CB   1 
ATOM   379 C CG1  . ILE A 1 107 ? 2.162   8.631   -9.009  1.00 33.55 ? 56  ILE A CG1  1 
ATOM   380 C CG2  . ILE A 1 107 ? 0.949   9.029   -6.900  1.00 33.55 ? 56  ILE A CG2  1 
ATOM   381 C CD1  . ILE A 1 107 ? 1.170   9.375   -9.834  1.00 33.55 ? 56  ILE A CD1  1 
ATOM   382 N N    . ILE A 1 108 ? 1.674   5.317   -5.858  1.00 36.10 ? 57  ILE A N    1 
ATOM   383 C CA   . ILE A 1 108 ? 1.210   4.606   -4.673  1.00 36.10 ? 57  ILE A CA   1 
ATOM   384 C C    . ILE A 1 108 ? 2.363   4.362   -3.711  1.00 36.10 ? 57  ILE A C    1 
ATOM   385 O O    . ILE A 1 108 ? 2.248   4.618   -2.507  1.00 36.10 ? 57  ILE A O    1 
ATOM   386 C CB   . ILE A 1 108 ? 0.514   3.291   -5.060  1.00 36.10 ? 57  ILE A CB   1 
ATOM   387 C CG1  . ILE A 1 108 ? -0.882  3.560   -5.592  1.00 36.10 ? 57  ILE A CG1  1 
ATOM   388 C CG2  . ILE A 1 108 ? 0.411   2.374   -3.871  1.00 36.10 ? 57  ILE A CG2  1 
ATOM   389 C CD1  . ILE A 1 108 ? -1.690  2.312   -5.740  1.00 36.10 ? 57  ILE A CD1  1 
ATOM   390 N N    . SER A 1 109 ? 3.507   3.909   -4.228  1.00 32.42 ? 58  SER A N    1 
ATOM   391 C CA   . SER A 1 109 ? 4.619   3.577   -3.346  1.00 32.42 ? 58  SER A CA   1 
ATOM   392 C C    . SER A 1 109 ? 4.983   4.755   -2.457  1.00 32.42 ? 58  SER A C    1 
ATOM   393 O O    . SER A 1 109 ? 4.889   4.664   -1.225  1.00 32.42 ? 58  SER A O    1 
ATOM   394 C CB   . SER A 1 109 ? 5.822   3.130   -4.169  1.00 32.42 ? 58  SER A CB   1 
ATOM   395 O OG   . SER A 1 109 ? 5.509   1.989   -4.938  1.00 32.42 ? 58  SER A OG   1 
ATOM   396 N N    . VAL A 1 110 ? 5.347   5.885   -3.062  1.00 36.04 ? 59  VAL A N    1 
ATOM   397 C CA   . VAL A 1 110 ? 5.686   7.060   -2.271  1.00 36.04 ? 59  VAL A CA   1 
ATOM   398 C C    . VAL A 1 110 ? 4.575   7.356   -1.276  1.00 36.04 ? 59  VAL A C    1 
ATOM   399 O O    . VAL A 1 110 ? 4.831   7.563   -0.083  1.00 36.04 ? 59  VAL A O    1 
ATOM   400 C CB   . VAL A 1 110 ? 5.974   8.265   -3.187  1.00 36.04 ? 59  VAL A CB   1 
ATOM   401 C CG1  . VAL A 1 110 ? 6.928   7.874   -4.292  1.00 36.04 ? 59  VAL A CG1  1 
ATOM   402 C CG2  . VAL A 1 110 ? 4.703   8.815   -3.776  1.00 36.04 ? 59  VAL A CG2  1 
ATOM   403 N N    . PHE A 1 111 ? 3.322   7.295   -1.731  1.00 33.18 ? 60  PHE A N    1 
ATOM   404 C CA   . PHE A 1 111 ? 2.210   7.615   -0.849  1.00 33.18 ? 60  PHE A CA   1 
ATOM   405 C C    . PHE A 1 111 ? 2.286   6.784   0.421   1.00 33.18 ? 60  PHE A C    1 
ATOM   406 O O    . PHE A 1 111 ? 2.351   7.334   1.529   1.00 33.18 ? 60  PHE A O    1 
ATOM   407 C CB   . PHE A 1 111 ? 0.892   7.406   -1.599  1.00 33.18 ? 60  PHE A CB   1 
ATOM   408 C CG   . PHE A 1 111 ? -0.339  7.542   -0.750  1.00 33.18 ? 60  PHE A CG   1 
ATOM   409 C CD1  . PHE A 1 111 ? -0.532  8.646   0.048   1.00 33.18 ? 60  PHE A CD1  1 
ATOM   410 C CD2  . PHE A 1 111 ? -1.330  6.588   -0.796  1.00 33.18 ? 60  PHE A CD2  1 
ATOM   411 C CE1  . PHE A 1 111 ? -1.670  8.771   0.812   1.00 33.18 ? 60  PHE A CE1  1 
ATOM   412 C CE2  . PHE A 1 111 ? -2.465  6.714   -0.036  1.00 33.18 ? 60  PHE A CE2  1 
ATOM   413 C CZ   . PHE A 1 111 ? -2.635  7.808   0.767   1.00 33.18 ? 60  PHE A CZ   1 
ATOM   414 N N    . ILE A 1 112 ? 2.394   5.463   0.277   1.00 35.51 ? 61  ILE A N    1 
ATOM   415 C CA   . ILE A 1 112 ? 2.382   4.608   1.457   1.00 35.51 ? 61  ILE A CA   1 
ATOM   416 C C    . ILE A 1 112 ? 3.504   4.999   2.403   1.00 35.51 ? 61  ILE A C    1 
ATOM   417 O O    . ILE A 1 112 ? 3.300   5.115   3.618   1.00 35.51 ? 61  ILE A O    1 
ATOM   418 C CB   . ILE A 1 112 ? 2.465   3.127   1.052   1.00 35.51 ? 61  ILE A CB   1 
ATOM   419 C CG1  . ILE A 1 112 ? 1.151   2.679   0.421   1.00 35.51 ? 61  ILE A CG1  1 
ATOM   420 C CG2  . ILE A 1 112 ? 2.773   2.273   2.254   1.00 35.51 ? 61  ILE A CG2  1 
ATOM   421 C CD1  . ILE A 1 112 ? 1.141   1.247   0.009   1.00 35.51 ? 61  ILE A CD1  1 
ATOM   422 N N    . ALA A 1 113 ? 4.693   5.261   1.862   1.00 36.87 ? 62  ALA A N    1 
ATOM   423 C CA   . ALA A 1 113 ? 5.801   5.642   2.726   1.00 36.87 ? 62  ALA A CA   1 
ATOM   424 C C    . ALA A 1 113 ? 5.424   6.853   3.562   1.00 36.87 ? 62  ALA A C    1 
ATOM   425 O O    . ALA A 1 113 ? 5.446   6.805   4.799   1.00 36.87 ? 62  ALA A O    1 
ATOM   426 C CB   . ALA A 1 113 ? 7.050   5.917   1.891   1.00 36.87 ? 62  ALA A CB   1 
ATOM   427 N N    . VAL A 1 114 ? 4.985   7.923   2.897   1.00 37.52 ? 63  VAL A N    1 
ATOM   428 C CA   . VAL A 1 114 ? 4.690   9.153   3.616   1.00 37.52 ? 63  VAL A CA   1 
ATOM   429 C C    . VAL A 1 114 ? 3.613   8.905   4.653   1.00 37.52 ? 63  VAL A C    1 
ATOM   430 O O    . VAL A 1 114 ? 3.582   9.562   5.698   1.00 37.52 ? 63  VAL A O    1 
ATOM   431 C CB   . VAL A 1 114 ? 4.285   10.266  2.634   1.00 37.52 ? 63  VAL A CB   1 
ATOM   432 C CG1  . VAL A 1 114 ? 4.344   11.605  3.317   1.00 37.52 ? 63  VAL A CG1  1 
ATOM   433 C CG2  . VAL A 1 114 ? 5.187   10.254  1.426   1.00 37.52 ? 63  VAL A CG2  1 
ATOM   434 N N    . GLY A 1 115 ? 2.735   7.933   4.405   1.00 39.49 ? 64  GLY A N    1 
ATOM   435 C CA   . GLY A 1 115 ? 1.672   7.669   5.353   1.00 39.49 ? 64  GLY A CA   1 
ATOM   436 C C    . GLY A 1 115 ? 2.182   7.020   6.621   1.00 39.49 ? 64  GLY A C    1 
ATOM   437 O O    . GLY A 1 115 ? 1.826   7.434   7.728   1.00 39.49 ? 64  GLY A O    1 
ATOM   438 N N    . MET A 1 116 ? 3.050   6.019   6.484   1.00 41.70 ? 65  MET A N    1 
ATOM   439 C CA   . MET A 1 116 ? 3.403   5.228   7.654   1.00 41.70 ? 65  MET A CA   1 
ATOM   440 C C    . MET A 1 116 ? 4.266   6.009   8.626   1.00 41.70 ? 65  MET A C    1 
ATOM   441 O O    . MET A 1 116 ? 4.330   5.652   9.804   1.00 41.70 ? 65  MET A O    1 
ATOM   442 C CB   . MET A 1 116 ? 4.100   3.940   7.230   1.00 41.70 ? 65  MET A CB   1 
ATOM   443 C CG   . MET A 1 116 ? 3.203   2.974   6.479   1.00 41.70 ? 65  MET A CG   1 
ATOM   444 S SD   . MET A 1 116 ? 1.735   2.478   7.391   1.00 41.70 ? 65  MET A SD   1 
ATOM   445 C CE   . MET A 1 116 ? 0.888   1.521   6.146   1.00 41.70 ? 65  MET A CE   1 
ATOM   446 N N    . ALA A 1 117 ? 4.919   7.067   8.159   1.00 42.37 ? 66  ALA A N    1 
ATOM   447 C CA   . ALA A 1 117 ? 5.700   7.920   9.036   1.00 42.37 ? 66  ALA A CA   1 
ATOM   448 C C    . ALA A 1 117 ? 4.832   8.860   9.855   1.00 42.37 ? 66  ALA A C    1 
ATOM   449 O O    . ALA A 1 117 ? 5.287   9.349   10.893  1.00 42.37 ? 66  ALA A O    1 
ATOM   450 C CB   . ALA A 1 117 ? 6.712   8.719   8.217   1.00 42.37 ? 66  ALA A CB   1 
ATOM   451 N N    . VAL A 1 118 ? 3.597   9.120   9.425   1.00 44.10 ? 67  VAL A N    1 
ATOM   452 C CA   . VAL A 1 118 ? 2.736   10.007  10.198  1.00 44.10 ? 67  VAL A CA   1 
ATOM   453 C C    . VAL A 1 118 ? 2.049   9.247   11.324  1.00 44.10 ? 67  VAL A C    1 
ATOM   454 O O    . VAL A 1 118 ? 1.681   9.840   12.342  1.00 44.10 ? 67  VAL A O    1 
ATOM   455 C CB   . VAL A 1 118 ? 1.710   10.700  9.284   1.00 44.10 ? 67  VAL A CB   1 
ATOM   456 C CG1  . VAL A 1 118 ? 0.778   11.567  10.094  1.00 44.10 ? 67  VAL A CG1  1 
ATOM   457 C CG2  . VAL A 1 118 ? 2.406   11.534  8.234   1.00 44.10 ? 67  VAL A CG2  1 
ATOM   458 N N    . VAL A 1 119 ? 1.864   7.938   11.170  1.00 45.14 ? 68  VAL A N    1 
ATOM   459 C CA   . VAL A 1 119 ? 1.196   7.155   12.202  1.00 45.14 ? 68  VAL A CA   1 
ATOM   460 C C    . VAL A 1 119 ? 2.158   6.837   13.337  1.00 45.14 ? 68  VAL A C    1 
ATOM   461 O O    . VAL A 1 119 ? 1.811   6.964   14.515  1.00 45.14 ? 68  VAL A O    1 
ATOM   462 C CB   . VAL A 1 119 ? 0.594   5.876   11.594  1.00 45.14 ? 68  VAL A CB   1 
ATOM   463 C CG1  . VAL A 1 119 ? -0.366  5.238   12.566  1.00 45.14 ? 68  VAL A CG1  1 
ATOM   464 C CG2  . VAL A 1 119 ? -0.099  6.177   10.288  1.00 45.14 ? 68  VAL A CG2  1 
ATOM   465 N N    . GLY A 1 120 ? 3.373   6.421   13.009  1.00 45.65 ? 69  GLY A N    1 
ATOM   466 C CA   . GLY A 1 120 ? 4.370   6.151   14.020  1.00 45.65 ? 69  GLY A CA   1 
ATOM   467 C C    . GLY A 1 120 ? 3.991   5.003   14.923  1.00 45.65 ? 69  GLY A C    1 
ATOM   468 O O    . GLY A 1 120 ? 3.938   5.158   16.145  1.00 45.65 ? 69  GLY A O    1 
ATOM   469 N N    . LEU A 1 121 ? 3.707   3.849   14.334  1.00 44.60 ? 70  LEU A N    1 
ATOM   470 C CA   . LEU A 1 121 ? 3.351   2.673   15.107  1.00 44.60 ? 70  LEU A CA   1 
ATOM   471 C C    . LEU A 1 121 ? 4.591   1.847   15.416  1.00 44.60 ? 70  LEU A C    1 
ATOM   472 O O    . LEU A 1 121 ? 5.715   2.337   15.311  1.00 44.60 ? 70  LEU A O    1 
ATOM   473 C CB   . LEU A 1 121 ? 2.324   1.823   14.365  1.00 44.60 ? 70  LEU A CB   1 
ATOM   474 C CG   . LEU A 1 121 ? 0.875   2.022   14.796  1.00 44.60 ? 70  LEU A CG   1 
ATOM   475 C CD1  . LEU A 1 121 ? -0.026  1.106   14.012  1.00 44.60 ? 70  LEU A CD1  1 
ATOM   476 C CD2  . LEU A 1 121 ? 0.716   1.783   16.274  1.00 44.60 ? 70  LEU A CD2  1 
HETATM 477 O O1   . X41 B 2 .   ? -14.164 -0.371  -15.430 0.30 36.93 ? 101 X41 A O1   1 
HETATM 478 O O2   . X41 B 2 .   ? -12.650 0.626   -14.119 0.30 36.93 ? 101 X41 A O2   1 
HETATM 479 P P1   . X41 B 2 .   ? -13.667 -0.413  -14.062 0.30 36.93 ? 101 X41 A P1   1 
HETATM 480 O O3   . X41 B 2 .   ? -14.842 -0.029  -12.979 0.30 36.93 ? 101 X41 A O3   1 
HETATM 481 O O4   . X41 B 2 .   ? -12.993 -1.868  -13.694 0.30 36.93 ? 101 X41 A O4   1 
HETATM 482 C C1   . X41 B 2 .   ? -11.620 -2.010  -13.881 0.30 36.93 ? 101 X41 A C1   1 
HETATM 483 C C2   . X41 B 2 .   ? -11.150 -3.398  -13.475 0.30 36.93 ? 101 X41 A C2   1 
HETATM 484 C C3   . X41 B 2 .   ? -10.204 -3.963  -14.527 0.30 36.93 ? 101 X41 A C3   1 
HETATM 485 O O5   . X41 B 2 .   ? -10.143 -5.358  -14.453 0.30 36.93 ? 101 X41 A O5   1 
HETATM 486 C C4   . X41 B 2 .   ? -8.926  -5.909  -14.041 0.30 36.93 ? 101 X41 A C4   1 
HETATM 487 O O6   . X41 B 2 .   ? -7.909  -5.407  -14.357 0.30 36.93 ? 101 X41 A O6   1 
HETATM 488 C C5   . X41 B 2 .   ? -8.926  -7.177  -13.202 0.30 36.93 ? 101 X41 A C5   1 
HETATM 489 C C6   . X41 B 2 .   ? -7.546  -7.605  -12.723 0.30 36.93 ? 101 X41 A C6   1 
HETATM 490 C C7   . X41 B 2 .   ? -7.659  -8.135  -11.304 0.30 36.93 ? 101 X41 A C7   1 
HETATM 491 C C8   . X41 B 2 .   ? -6.335  -8.643  -10.764 0.30 36.93 ? 101 X41 A C8   1 
HETATM 492 C C9   . X41 B 2 .   ? -6.358  -8.550  -9.246  0.30 36.93 ? 101 X41 A C9   1 
HETATM 493 C C10  . X41 B 2 .   ? -5.357  -9.490  -8.590  0.30 36.93 ? 101 X41 A C10  1 
HETATM 494 C C11  . X41 B 2 .   ? -5.289  -9.205  -7.098  0.30 36.93 ? 101 X41 A C11  1 
HETATM 495 C C12  . X41 B 2 .   ? -4.665  -10.363 -6.336  0.30 36.93 ? 101 X41 A C12  1 
HETATM 496 C C13  . X41 B 2 .   ? -4.739  -10.117 -4.836  0.30 36.93 ? 101 X41 A C13  1 
HETATM 497 C C14  . X41 B 2 .   ? -5.384  -11.280 -4.097  0.30 36.93 ? 101 X41 A C14  1 
HETATM 498 C C15  . X41 B 2 .   ? -5.864  -10.850 -2.718  0.30 36.93 ? 101 X41 A C15  1 
HETATM 499 C C16  . X41 B 2 .   ? -6.245  -12.070 -1.889  0.30 36.93 ? 101 X41 A C16  1 
HETATM 500 C C17  . X41 B 2 .   ? -6.823  -11.698 -0.527  0.30 36.93 ? 101 X41 A C17  1 
HETATM 501 O O7   . X41 B 2 .   ? -10.486 -3.298  -12.256 0.30 36.93 ? 101 X41 A O7   1 
HETATM 502 C C18  . X41 B 2 .   ? -11.318 -3.041  -11.169 0.30 36.93 ? 101 X41 A C18  1 
HETATM 503 O O8   . X41 B 2 .   ? -12.238 -2.309  -11.276 0.30 36.93 ? 101 X41 A O8   1 
HETATM 504 C C19  . X41 B 2 .   ? -11.037 -3.689  -9.825  0.30 36.93 ? 101 X41 A C19  1 
HETATM 505 C C20  . X41 B 2 .   ? -10.767 -5.173  -9.966  0.30 36.93 ? 101 X41 A C20  1 
HETATM 506 C C21  . X41 B 2 .   ? -9.652  -5.581  -9.024  0.30 36.93 ? 101 X41 A C21  1 
HETATM 507 C C22  . X41 B 2 .   ? -10.071 -5.384  -7.580  0.30 36.93 ? 101 X41 A C22  1 
HETATM 508 C C23  . X41 B 2 .   ? -9.994  -6.676  -6.782  0.30 36.93 ? 101 X41 A C23  1 
HETATM 509 C C24  . X41 B 2 .   ? -8.680  -6.795  -6.030  0.30 36.93 ? 101 X41 A C24  1 
HETATM 510 C C25  . X41 B 2 .   ? -8.800  -6.299  -4.600  0.30 36.93 ? 101 X41 A C25  1 
HETATM 511 C C26  . X41 B 2 .   ? -7.819  -7.041  -3.715  0.30 36.93 ? 101 X41 A C26  1 
HETATM 512 C C27  . X41 B 2 .   ? -7.379  -6.126  -2.586  0.30 36.93 ? 101 X41 A C27  1 
HETATM 513 C C28  . X41 B 2 .   ? -6.918  -6.912  -1.369  0.30 36.93 ? 101 X41 A C28  1 
HETATM 514 C C29  . X41 B 2 .   ? -7.461  -6.291  -0.092  0.30 36.93 ? 101 X41 A C29  1 
HETATM 515 C C30  . X41 B 2 .   ? -7.115  -7.163  1.102   0.30 36.93 ? 101 X41 A C30  1 
HETATM 516 C C31  . X41 B 2 .   ? -7.774  -6.617  2.353   0.30 36.93 ? 101 X41 A C31  1 
HETATM 517 H H1   . X41 B 2 .   ? -14.530 -0.204  -12.109 0.30 36.93 ? 101 X41 A H1   1 
HETATM 518 H H2   . X41 B 2 .   ? -11.376 -1.831  -14.917 0.30 36.93 ? 101 X41 A H2   1 
HETATM 519 H H3   . X41 B 2 .   ? -11.120 -1.288  -13.255 0.30 36.93 ? 101 X41 A H3   1 
HETATM 520 H H4   . X41 B 2 .   ? -12.001 -4.048  -13.363 0.30 36.93 ? 101 X41 A H4   1 
HETATM 521 H H5   . X41 B 2 .   ? -10.561 -3.685  -15.503 0.30 36.93 ? 101 X41 A H5   1 
HETATM 522 H H6   . X41 B 2 .   ? -9.226  -3.541  -14.377 0.30 36.93 ? 101 X41 A H6   1 
HETATM 523 H H7   . X41 B 2 .   ? -9.338  -7.974  -13.796 0.30 36.93 ? 101 X41 A H7   1 
HETATM 524 H H8   . X41 B 2 .   ? -9.551  -7.017  -12.339 0.30 36.93 ? 101 X41 A H8   1 
HETATM 525 H H9   . X41 B 2 .   ? -6.868  -6.767  -12.746 0.30 36.93 ? 101 X41 A H9   1 
HETATM 526 H H10  . X41 B 2 .   ? -7.180  -8.394  -13.358 0.30 36.93 ? 101 X41 A H10  1 
HETATM 527 H H11  . X41 B 2 .   ? -8.005  -7.348  -10.659 0.30 36.93 ? 101 X41 A H11  1 
HETATM 528 H H12  . X41 B 2 .   ? -8.371  -8.943  -11.299 0.30 36.93 ? 101 X41 A H12  1 
HETATM 529 H H13  . X41 B 2 .   ? -5.537  -8.032  -11.153 0.30 36.93 ? 101 X41 A H13  1 
HETATM 530 H H14  . X41 B 2 .   ? -6.194  -9.670  -11.060 0.30 36.93 ? 101 X41 A H14  1 
HETATM 531 H H15  . X41 B 2 .   ? -6.125  -7.539  -8.958  0.30 36.93 ? 101 X41 A H15  1 
HETATM 532 H H16  . X41 B 2 .   ? -7.347  -8.798  -8.903  0.30 36.93 ? 101 X41 A H16  1 
HETATM 533 H H17  . X41 B 2 .   ? -5.670  -10.509 -8.745  0.30 36.93 ? 101 X41 A H17  1 
HETATM 534 H H18  . X41 B 2 .   ? -4.383  -9.340  -9.023  0.30 36.93 ? 101 X41 A H18  1 
HETATM 535 H H19  . X41 B 2 .   ? -6.286  -9.027  -6.730  0.30 36.93 ? 101 X41 A H19  1 
HETATM 536 H H20  . X41 B 2 .   ? -4.686  -8.328  -6.938  0.30 36.93 ? 101 X41 A H20  1 
HETATM 537 H H21  . X41 B 2 .   ? -3.630  -10.444 -6.621  0.30 36.93 ? 101 X41 A H21  1 
HETATM 538 H H22  . X41 B 2 .   ? -5.311  -9.221  -4.650  0.30 36.93 ? 101 X41 A H22  1 
HETATM 539 H H23  . X41 B 2 .   ? -4.657  -12.067 -3.987  0.30 36.93 ? 101 X41 A H23  1 
HETATM 540 H H24  . X41 B 2 .   ? -6.226  -11.642 -4.663  0.30 36.93 ? 101 X41 A H24  1 
HETATM 541 H H25  . X41 B 2 .   ? -6.724  -10.211 -2.831  0.30 36.93 ? 101 X41 A H25  1 
HETATM 542 H H26  . X41 B 2 .   ? -5.072  -10.310 -2.224  0.30 36.93 ? 101 X41 A H26  1 
HETATM 543 H H27  . X41 B 2 .   ? -6.985  -12.634 -2.434  0.30 36.93 ? 101 X41 A H27  1 
HETATM 544 H H28  . X41 B 2 .   ? -5.366  -12.676 -1.741  0.30 36.93 ? 101 X41 A H28  1 
HETATM 545 H H29  . X41 B 2 .   ? -7.026  -12.583 0.056   0.30 36.93 ? 101 X41 A H29  1 
HETATM 546 H H30  . X41 B 2 .   ? -7.744  -11.157 -0.669  0.30 36.93 ? 101 X41 A H30  1 
HETATM 547 H H31  . X41 B 2 .   ? -6.118  -11.085 0.013   0.30 36.93 ? 101 X41 A H31  1 
HETATM 548 H H32  . X41 B 2 .   ? -11.895 -3.551  -9.189  0.30 36.93 ? 101 X41 A H32  1 
HETATM 549 H H33  . X41 B 2 .   ? -10.177 -3.227  -9.374  0.30 36.93 ? 101 X41 A H33  1 
HETATM 550 H H34  . X41 B 2 .   ? -11.656 -5.724  -9.713  0.30 36.93 ? 101 X41 A H34  1 
HETATM 551 H H35  . X41 B 2 .   ? -10.470 -5.394  -10.978 0.30 36.93 ? 101 X41 A H35  1 
HETATM 552 H H36  . X41 B 2 .   ? -8.788  -4.971  -9.232  0.30 36.93 ? 101 X41 A H36  1 
HETATM 553 H H37  . X41 B 2 .   ? -9.418  -6.617  -9.199  0.30 36.93 ? 101 X41 A H37  1 
HETATM 554 H H38  . X41 B 2 .   ? -9.435  -4.646  -7.119  0.30 36.93 ? 101 X41 A H38  1 
HETATM 555 H H39  . X41 B 2 .   ? -11.090 -5.034  -7.572  0.30 36.93 ? 101 X41 A H39  1 
HETATM 556 H H40  . X41 B 2 .   ? -10.809 -6.696  -6.076  0.30 36.93 ? 101 X41 A H40  1 
HETATM 557 H H41  . X41 B 2 .   ? -10.085 -7.515  -7.451  0.30 36.93 ? 101 X41 A H41  1 
HETATM 558 H H42  . X41 B 2 .   ? -7.931  -6.218  -6.546  0.30 36.93 ? 101 X41 A H42  1 
HETATM 559 H H43  . X41 B 2 .   ? -8.387  -7.831  -5.999  0.30 36.93 ? 101 X41 A H43  1 
HETATM 560 H H44  . X41 B 2 .   ? -9.800  -6.472  -4.235  0.30 36.93 ? 101 X41 A H44  1 
HETATM 561 H H45  . X41 B 2 .   ? -8.570  -5.244  -4.566  0.30 36.93 ? 101 X41 A H45  1 
HETATM 562 H H46  . X41 B 2 .   ? -6.962  -7.328  -4.298  0.30 36.93 ? 101 X41 A H46  1 
HETATM 563 H H47  . X41 B 2 .   ? -8.296  -7.918  -3.316  0.30 36.93 ? 101 X41 A H47  1 
HETATM 564 H H48  . X41 B 2 .   ? -8.206  -5.491  -2.308  0.30 36.93 ? 101 X41 A H48  1 
HETATM 565 H H49  . X41 B 2 .   ? -6.562  -5.518  -2.939  0.30 36.93 ? 101 X41 A H49  1 
HETATM 566 H H50  . X41 B 2 .   ? -7.262  -7.929  -1.447  0.30 36.93 ? 101 X41 A H50  1 
HETATM 567 H H51  . X41 B 2 .   ? -5.842  -6.896  -1.330  0.30 36.93 ? 101 X41 A H51  1 
HETATM 568 H H52  . X41 B 2 .   ? -7.023  -5.316  0.044   0.30 36.93 ? 101 X41 A H52  1 
HETATM 569 H H53  . X41 B 2 .   ? -8.532  -6.199  -0.158  0.30 36.93 ? 101 X41 A H53  1 
HETATM 570 H H54  . X41 B 2 .   ? -7.470  -8.165  0.930   0.30 36.93 ? 101 X41 A H54  1 
HETATM 571 H H55  . X41 B 2 .   ? -6.045  -7.175  1.238   0.30 36.93 ? 101 X41 A H55  1 
HETATM 572 H H56  . X41 B 2 .   ? -7.811  -7.396  3.099   0.30 36.93 ? 101 X41 A H56  1 
HETATM 573 H H57  . X41 B 2 .   ? -8.771  -6.289  2.115   0.30 36.93 ? 101 X41 A H57  1 
HETATM 574 H H58  . X41 B 2 .   ? -7.210  -5.781  2.732   0.30 36.93 ? 101 X41 A H58  1 
HETATM 575 H H392 . X41 B 2 .   ? -5.182  -11.277 -6.581  0.30 36.93 ? 101 X41 A H392 1 
HETATM 576 H H3A2 . X41 B 2 .   ? -3.735  -9.989  -4.469  0.30 36.93 ? 101 X41 A H3A2 1 
# 
